data_2OI7
#
_entry.id   2OI7
#
_cell.length_a   102.969
_cell.length_b   102.969
_cell.length_c   644.076
_cell.angle_alpha   90.00
_cell.angle_beta   90.00
_cell.angle_gamma   120.00
#
_symmetry.space_group_name_H-M   'H 3 2'
#
loop_
_entity.id
_entity.type
_entity.pdbx_description
1 polymer 'Bifunctional protein glmU'
2 non-polymer 2-acetamido-2-deoxy-1-O-phosphono-alpha-D-glucopyranose
3 non-polymer 'COBALT (II) ION'
4 non-polymer 'DESULFO-COENZYME A'
5 non-polymer URIDINE-DIPHOSPHATE-N-ACETYLGLUCOSAMINE
6 non-polymer 'MAGNESIUM ION'
7 non-polymer 'SULFATE ION'
8 water water
#
_entity_poly.entity_id   1
_entity_poly.type   'polypeptide(L)'
_entity_poly.pdbx_seq_one_letter_code
;MLNNAMSVVILAAGKGTRMYSDLPKVLHTLAGKAMVQHVIDAANELGAAHVHLVYGHGGDLLKQALKDDNLNWVLQAEQL
GTGHAMQQAAPFFADDEDILMLYGDVPLISVETLQRLRDAKPQGGIGLLTVKLDDPTGYGRITRENGKVTGIVEHKDATD
EQRQIQEINTGILIANGADMKRWLAKLTNNNAQGEYYITDIIALAYQEGREIVAVHPQRLSEVEGVNNRLQLSRLERVYQ
SEQAEKLLLAGVMLRDPARFDLRGTLTHGRDVEIDTNVIIEGNVTLGHRVKIGTGCVIKNSVIGDDCEISPYTVVEDANL
AAACTIGPFARLRPGAELLEGAHVGNFVEMKKARLGKGSKAGHLTYLGDAEIGDNVNIGAGTITCNYDGANKFKTIIGDD
VFVGSDTQLVAPVTVGKGATIAAGTTVTRNVGENALAISRVPQTQKEGWRRPVKKK
;
_entity_poly.pdbx_strand_id   A,B
#
# COMPACT_ATOMS: atom_id res chain seq x y z
N ASN A 4 -24.28 69.99 -12.64
CA ASN A 4 -25.53 70.39 -11.94
C ASN A 4 -26.15 69.18 -11.21
N ALA A 5 -26.76 69.41 -10.04
CA ALA A 5 -27.33 68.31 -9.28
C ALA A 5 -28.53 67.68 -9.99
N MET A 6 -28.50 66.35 -10.15
CA MET A 6 -29.58 65.61 -10.83
C MET A 6 -29.84 64.23 -10.23
N SER A 7 -31.11 63.87 -10.06
CA SER A 7 -31.50 62.56 -9.54
C SER A 7 -32.56 61.96 -10.46
N VAL A 8 -32.64 60.64 -10.49
CA VAL A 8 -33.60 59.98 -11.35
C VAL A 8 -34.60 59.15 -10.58
N VAL A 9 -35.83 59.11 -11.08
CA VAL A 9 -36.91 58.32 -10.51
C VAL A 9 -37.48 57.33 -11.54
N ILE A 10 -37.44 56.05 -11.23
CA ILE A 10 -37.94 55.03 -12.15
C ILE A 10 -39.22 54.41 -11.60
N LEU A 11 -40.33 54.58 -12.31
CA LEU A 11 -41.61 54.04 -11.90
C LEU A 11 -41.74 52.62 -12.47
N ALA A 12 -42.12 51.66 -11.65
CA ALA A 12 -42.26 50.30 -12.10
C ALA A 12 -43.21 49.53 -11.22
N ALA A 13 -44.20 50.22 -10.68
CA ALA A 13 -45.15 49.60 -9.79
C ALA A 13 -46.38 49.09 -10.49
N GLY A 14 -46.43 49.25 -11.82
CA GLY A 14 -47.54 48.77 -12.62
C GLY A 14 -47.53 47.25 -12.77
N LYS A 15 -48.70 46.64 -12.97
CA LYS A 15 -48.77 45.17 -13.12
C LYS A 15 -48.60 44.76 -14.60
N GLY A 16 -47.66 43.83 -14.87
CA GLY A 16 -47.39 43.34 -16.24
C GLY A 16 -48.22 42.10 -16.58
N THR A 17 -49.54 42.27 -16.58
CA THR A 17 -50.43 41.15 -16.82
C THR A 17 -50.21 40.40 -18.12
N ARG A 18 -50.17 41.13 -19.23
CA ARG A 18 -49.98 40.50 -20.54
C ARG A 18 -48.63 39.81 -20.75
N MET A 19 -47.87 39.64 -19.66
CA MET A 19 -46.58 38.96 -19.76
C MET A 19 -46.81 37.51 -19.39
N TYR A 20 -47.89 37.23 -18.66
CA TYR A 20 -48.20 35.87 -18.21
C TYR A 20 -46.95 35.25 -17.56
N SER A 21 -46.39 35.97 -16.59
CA SER A 21 -45.15 35.54 -15.94
C SER A 21 -45.20 35.64 -14.42
N ASP A 22 -44.47 34.76 -13.76
CA ASP A 22 -44.36 34.76 -12.31
C ASP A 22 -43.14 35.60 -11.90
N LEU A 23 -42.64 36.38 -12.86
CA LEU A 23 -41.51 37.26 -12.61
C LEU A 23 -41.96 38.71 -12.95
N PRO A 24 -41.60 39.71 -12.11
CA PRO A 24 -41.96 41.10 -12.36
C PRO A 24 -41.51 41.48 -13.77
N LYS A 25 -42.44 42.07 -14.54
CA LYS A 25 -42.20 42.50 -15.91
C LYS A 25 -40.83 43.13 -16.11
N VAL A 26 -40.55 44.22 -15.41
CA VAL A 26 -39.25 44.92 -15.52
C VAL A 26 -37.99 44.07 -15.29
N LEU A 27 -38.19 42.86 -14.73
CA LEU A 27 -37.11 41.91 -14.50
C LEU A 27 -36.85 41.01 -15.73
N HIS A 28 -37.76 40.98 -16.70
CA HIS A 28 -37.51 40.18 -17.88
C HIS A 28 -36.27 40.73 -18.62
N THR A 29 -35.31 39.86 -18.88
CA THR A 29 -34.07 40.25 -19.53
C THR A 29 -34.17 40.65 -21.00
N LEU A 30 -33.25 41.52 -21.35
CA LEU A 30 -33.10 42.04 -22.71
C LEU A 30 -31.58 42.21 -22.94
N ALA A 31 -31.04 41.47 -23.89
CA ALA A 31 -29.60 41.51 -24.16
C ALA A 31 -28.79 41.14 -22.91
N GLY A 32 -29.23 40.13 -22.16
CA GLY A 32 -28.47 39.75 -20.99
C GLY A 32 -28.71 40.43 -19.63
N LYS A 33 -29.60 41.39 -19.60
CA LYS A 33 -29.89 42.03 -18.34
C LYS A 33 -31.38 42.44 -18.25
N ALA A 34 -31.84 42.59 -17.02
CA ALA A 34 -33.23 42.98 -16.77
C ALA A 34 -33.55 44.32 -17.41
N MET A 35 -34.73 44.39 -17.98
CA MET A 35 -35.17 45.63 -18.59
C MET A 35 -34.93 46.83 -17.65
N VAL A 36 -35.32 46.73 -16.38
CA VAL A 36 -35.14 47.83 -15.43
C VAL A 36 -33.66 48.20 -15.21
N GLN A 37 -32.80 47.19 -15.28
CA GLN A 37 -31.39 47.39 -15.12
C GLN A 37 -30.89 48.31 -16.25
N HIS A 38 -31.45 48.15 -17.46
CA HIS A 38 -31.08 49.01 -18.60
C HIS A 38 -31.38 50.50 -18.26
N VAL A 39 -32.54 50.71 -17.64
CA VAL A 39 -32.97 52.04 -17.26
C VAL A 39 -32.03 52.59 -16.19
N ILE A 40 -31.72 51.80 -15.18
CA ILE A 40 -30.82 52.23 -14.11
C ILE A 40 -29.45 52.63 -14.71
N ASP A 41 -28.94 51.81 -15.63
CA ASP A 41 -27.61 52.11 -16.23
C ASP A 41 -27.61 53.51 -16.89
N ALA A 42 -28.64 53.76 -17.68
CA ALA A 42 -28.80 55.04 -18.35
C ALA A 42 -28.87 56.13 -17.28
N ALA A 43 -29.51 55.84 -16.15
CA ALA A 43 -29.61 56.82 -15.07
C ALA A 43 -28.22 57.19 -14.56
N ASN A 44 -27.43 56.19 -14.17
CA ASN A 44 -26.11 56.42 -13.63
C ASN A 44 -25.18 56.97 -14.67
N GLU A 45 -25.33 56.45 -15.89
CA GLU A 45 -24.50 56.86 -17.00
C GLU A 45 -24.72 58.33 -17.28
N LEU A 46 -25.92 58.84 -16.99
CA LEU A 46 -26.19 60.25 -17.24
C LEU A 46 -25.58 61.11 -16.13
N GLY A 47 -25.25 60.46 -15.03
CA GLY A 47 -24.66 61.18 -13.91
C GLY A 47 -25.62 61.34 -12.74
N ALA A 48 -26.67 60.50 -12.68
CA ALA A 48 -27.65 60.56 -11.60
C ALA A 48 -27.00 60.35 -10.23
N ALA A 49 -27.31 61.23 -9.28
CA ALA A 49 -26.81 61.11 -7.91
C ALA A 49 -27.58 59.99 -7.19
N HIS A 50 -28.89 60.09 -7.20
CA HIS A 50 -29.68 59.07 -6.56
C HIS A 50 -30.66 58.53 -7.59
N VAL A 51 -30.89 57.22 -7.54
CA VAL A 51 -31.87 56.57 -8.42
C VAL A 51 -33.05 55.99 -7.59
N HIS A 52 -34.18 56.68 -7.61
CA HIS A 52 -35.34 56.22 -6.85
C HIS A 52 -36.13 55.26 -7.68
N LEU A 53 -36.36 54.06 -7.15
CA LEU A 53 -37.11 53.03 -7.86
C LEU A 53 -38.48 52.80 -7.17
N VAL A 54 -39.56 53.08 -7.87
CA VAL A 54 -40.87 52.90 -7.31
C VAL A 54 -41.42 51.53 -7.70
N TYR A 55 -41.72 50.68 -6.71
CA TYR A 55 -42.27 49.35 -7.01
C TYR A 55 -43.61 49.05 -6.31
N GLY A 56 -44.33 48.05 -6.80
CA GLY A 56 -45.60 47.72 -6.18
C GLY A 56 -45.53 46.35 -5.55
N HIS A 57 -45.13 45.33 -6.31
CA HIS A 57 -45.02 43.98 -5.73
C HIS A 57 -43.76 43.31 -6.28
N GLY A 58 -43.54 42.05 -5.90
CA GLY A 58 -42.37 41.33 -6.34
C GLY A 58 -41.09 41.99 -5.89
N GLY A 59 -41.24 42.90 -4.94
CA GLY A 59 -40.12 43.64 -4.43
C GLY A 59 -39.01 42.75 -3.94
N ASP A 60 -39.35 41.54 -3.54
CA ASP A 60 -38.37 40.59 -3.06
C ASP A 60 -37.40 40.14 -4.20
N LEU A 61 -37.99 39.76 -5.33
CA LEU A 61 -37.23 39.37 -6.50
C LEU A 61 -36.50 40.61 -7.04
N LEU A 62 -37.12 41.78 -6.90
CA LEU A 62 -36.50 43.03 -7.39
C LEU A 62 -35.22 43.34 -6.66
N LYS A 63 -35.31 43.41 -5.33
CA LYS A 63 -34.14 43.71 -4.49
C LYS A 63 -33.08 42.62 -4.68
N GLN A 64 -33.51 41.43 -5.02
CA GLN A 64 -32.55 40.38 -5.24
C GLN A 64 -31.88 40.50 -6.60
N ALA A 65 -32.60 40.99 -7.59
CA ALA A 65 -32.04 41.13 -8.94
C ALA A 65 -31.24 42.41 -9.15
N LEU A 66 -31.65 43.48 -8.48
CA LEU A 66 -31.00 44.78 -8.58
C LEU A 66 -30.20 45.11 -7.31
N LYS A 67 -28.95 45.52 -7.49
CA LYS A 67 -28.13 45.89 -6.36
C LYS A 67 -27.21 47.04 -6.68
N ASP A 68 -27.80 48.17 -7.06
CA ASP A 68 -27.02 49.36 -7.37
C ASP A 68 -26.93 50.21 -6.09
N ASP A 69 -25.71 50.56 -5.71
CA ASP A 69 -25.45 51.34 -4.50
C ASP A 69 -26.42 52.52 -4.27
N ASN A 70 -26.60 53.33 -5.31
CA ASN A 70 -27.47 54.51 -5.23
C ASN A 70 -28.94 54.24 -5.52
N LEU A 71 -29.38 53.00 -5.24
CA LEU A 71 -30.76 52.58 -5.46
C LEU A 71 -31.66 52.79 -4.25
N ASN A 72 -32.49 53.83 -4.28
CA ASN A 72 -33.38 54.09 -3.18
C ASN A 72 -34.76 53.52 -3.50
N TRP A 73 -35.19 52.52 -2.74
CA TRP A 73 -36.47 51.86 -2.95
C TRP A 73 -37.67 52.64 -2.40
N VAL A 74 -38.63 52.90 -3.28
CA VAL A 74 -39.83 53.63 -2.93
C VAL A 74 -41.04 52.77 -3.23
N LEU A 75 -41.80 52.49 -2.18
CA LEU A 75 -42.96 51.64 -2.35
C LEU A 75 -44.19 52.39 -2.80
N GLN A 76 -44.99 51.76 -3.63
CA GLN A 76 -46.27 52.34 -4.04
C GLN A 76 -47.31 51.20 -3.91
N ALA A 77 -47.89 51.02 -2.73
CA ALA A 77 -48.90 49.95 -2.53
C ALA A 77 -49.97 49.91 -3.62
N GLU A 78 -50.60 51.04 -3.87
CA GLU A 78 -51.67 51.12 -4.87
C GLU A 78 -51.24 51.93 -6.09
N GLN A 79 -51.61 51.46 -7.28
CA GLN A 79 -51.25 52.13 -8.52
C GLN A 79 -52.32 53.11 -8.88
N LEU A 80 -52.35 54.21 -8.13
CA LEU A 80 -53.35 55.23 -8.34
C LEU A 80 -52.92 56.23 -9.34
N GLY A 81 -52.04 55.85 -10.23
CA GLY A 81 -51.59 56.76 -11.28
C GLY A 81 -50.13 57.12 -11.16
N THR A 82 -49.53 57.52 -12.28
CA THR A 82 -48.13 57.94 -12.33
C THR A 82 -47.87 59.11 -11.39
N GLY A 83 -48.88 59.98 -11.22
CA GLY A 83 -48.74 61.14 -10.36
C GLY A 83 -48.65 60.70 -8.91
N HIS A 84 -49.56 59.81 -8.54
CA HIS A 84 -49.61 59.25 -7.20
C HIS A 84 -48.24 58.61 -6.90
N ALA A 85 -47.73 57.85 -7.87
CA ALA A 85 -46.44 57.18 -7.74
C ALA A 85 -45.34 58.20 -7.48
N MET A 86 -45.28 59.24 -8.29
CA MET A 86 -44.28 60.28 -8.10
C MET A 86 -44.36 60.96 -6.75
N GLN A 87 -45.56 61.03 -6.18
CA GLN A 87 -45.72 61.67 -4.89
C GLN A 87 -45.05 60.86 -3.83
N GLN A 88 -44.95 59.55 -4.04
CA GLN A 88 -44.33 58.68 -3.06
C GLN A 88 -42.83 58.89 -2.96
N ALA A 89 -42.24 59.23 -4.09
CA ALA A 89 -40.82 59.45 -4.10
C ALA A 89 -40.50 60.93 -3.84
N ALA A 90 -41.49 61.81 -4.08
CA ALA A 90 -41.32 63.26 -3.93
C ALA A 90 -40.54 63.66 -2.66
N PRO A 91 -40.93 63.11 -1.48
CA PRO A 91 -40.26 63.41 -0.21
C PRO A 91 -38.73 63.29 -0.30
N PHE A 92 -38.22 62.38 -1.12
CA PHE A 92 -36.77 62.23 -1.28
C PHE A 92 -36.12 63.09 -2.37
N PHE A 93 -36.82 64.12 -2.83
CA PHE A 93 -36.27 65.00 -3.85
C PHE A 93 -35.58 66.20 -3.20
N ALA A 94 -34.31 66.39 -3.53
CA ALA A 94 -33.53 67.51 -3.03
C ALA A 94 -34.03 68.80 -3.71
N ASP A 95 -34.38 69.80 -2.89
CA ASP A 95 -34.87 71.09 -3.41
C ASP A 95 -33.99 71.70 -4.49
N ASP A 96 -32.68 71.64 -4.32
CA ASP A 96 -31.78 72.23 -5.30
C ASP A 96 -31.26 71.25 -6.36
N GLU A 97 -31.91 70.10 -6.52
CA GLU A 97 -31.44 69.16 -7.53
C GLU A 97 -32.51 68.99 -8.57
N ASP A 98 -32.11 68.52 -9.75
CA ASP A 98 -33.05 68.25 -10.83
C ASP A 98 -33.54 66.82 -10.71
N ILE A 99 -34.77 66.58 -11.15
CA ILE A 99 -35.38 65.26 -11.11
C ILE A 99 -35.82 64.80 -12.49
N LEU A 100 -35.23 63.69 -12.94
CA LEU A 100 -35.56 63.08 -14.23
C LEU A 100 -36.44 61.86 -13.97
N MET A 101 -37.58 61.84 -14.63
CA MET A 101 -38.51 60.72 -14.46
C MET A 101 -38.37 59.78 -15.66
N LEU A 102 -38.35 58.47 -15.37
CA LEU A 102 -38.22 57.43 -16.40
C LEU A 102 -39.12 56.23 -16.12
N TYR A 103 -39.39 55.43 -17.16
CA TYR A 103 -40.22 54.23 -17.02
C TYR A 103 -39.33 52.97 -16.94
N GLY A 104 -39.75 52.04 -16.10
CA GLY A 104 -38.98 50.86 -15.92
C GLY A 104 -39.12 49.90 -17.07
N ASP A 105 -40.08 50.13 -17.97
CA ASP A 105 -40.29 49.25 -19.11
C ASP A 105 -39.90 49.90 -20.45
N VAL A 106 -39.01 50.88 -20.42
CA VAL A 106 -38.58 51.55 -21.65
C VAL A 106 -37.05 51.50 -21.61
N PRO A 107 -36.51 50.32 -21.92
CA PRO A 107 -35.08 50.02 -21.92
C PRO A 107 -34.14 50.65 -22.91
N LEU A 108 -34.64 51.10 -24.05
CA LEU A 108 -33.76 51.66 -25.05
C LEU A 108 -33.48 53.17 -24.96
N ILE A 109 -34.05 53.84 -23.97
CA ILE A 109 -33.79 55.26 -23.82
C ILE A 109 -32.24 55.51 -23.81
N SER A 110 -31.76 56.42 -24.65
CA SER A 110 -30.32 56.69 -24.71
C SER A 110 -29.87 57.89 -23.88
N VAL A 111 -28.61 57.85 -23.44
CA VAL A 111 -28.03 58.91 -22.65
C VAL A 111 -27.96 60.19 -23.46
N GLU A 112 -27.58 60.09 -24.73
CA GLU A 112 -27.49 61.25 -25.61
C GLU A 112 -28.82 62.08 -25.58
N THR A 113 -29.94 61.40 -25.78
CA THR A 113 -31.26 62.04 -25.78
C THR A 113 -31.59 62.59 -24.39
N LEU A 114 -31.30 61.82 -23.33
CA LEU A 114 -31.54 62.30 -21.96
C LEU A 114 -30.69 63.53 -21.66
N GLN A 115 -29.46 63.56 -22.17
CA GLN A 115 -28.58 64.69 -21.95
C GLN A 115 -29.13 65.89 -22.72
N ARG A 116 -29.78 65.63 -23.86
CA ARG A 116 -30.39 66.70 -24.64
C ARG A 116 -31.58 67.30 -23.91
N LEU A 117 -32.35 66.44 -23.25
CA LEU A 117 -33.52 66.87 -22.49
C LEU A 117 -33.08 67.74 -21.33
N ARG A 118 -31.95 67.38 -20.72
CA ARG A 118 -31.43 68.17 -19.61
C ARG A 118 -31.15 69.61 -20.05
N ASP A 119 -30.43 69.79 -21.15
CA ASP A 119 -30.08 71.13 -21.62
C ASP A 119 -31.26 72.03 -21.97
N ALA A 120 -32.25 71.46 -22.65
CA ALA A 120 -33.44 72.24 -23.01
C ALA A 120 -34.23 72.68 -21.77
N LYS A 121 -34.14 71.94 -20.67
CA LYS A 121 -34.91 72.29 -19.47
C LYS A 121 -34.66 73.73 -18.99
N PRO A 122 -35.66 74.61 -19.10
CA PRO A 122 -35.54 76.01 -18.69
C PRO A 122 -35.43 76.11 -17.19
N GLN A 123 -34.80 77.18 -16.72
CA GLN A 123 -34.62 77.37 -15.29
C GLN A 123 -35.96 77.56 -14.65
N GLY A 124 -36.31 76.75 -13.66
CA GLY A 124 -37.62 76.93 -13.06
C GLY A 124 -38.76 76.34 -13.91
N GLY A 125 -38.40 75.80 -15.08
CA GLY A 125 -39.39 75.18 -15.95
C GLY A 125 -39.35 73.64 -15.98
N ILE A 126 -39.60 73.07 -17.15
CA ILE A 126 -39.65 71.63 -17.29
C ILE A 126 -39.18 71.19 -18.65
N GLY A 127 -38.47 70.08 -18.66
CA GLY A 127 -37.96 69.55 -19.91
C GLY A 127 -38.82 68.37 -20.25
N LEU A 128 -39.57 68.45 -21.34
CA LEU A 128 -40.44 67.34 -21.75
C LEU A 128 -40.00 66.66 -23.04
N LEU A 129 -39.98 65.33 -23.03
CA LEU A 129 -39.61 64.57 -24.22
C LEU A 129 -40.89 64.15 -24.96
N THR A 130 -41.03 64.53 -26.22
CA THR A 130 -42.23 64.18 -26.96
C THR A 130 -41.91 63.60 -28.33
N VAL A 131 -42.91 62.95 -28.95
CA VAL A 131 -42.71 62.36 -30.27
C VAL A 131 -43.95 62.47 -31.09
N LYS A 132 -43.80 62.58 -32.40
CA LYS A 132 -44.96 62.66 -33.29
C LYS A 132 -45.17 61.28 -33.90
N LEU A 133 -46.30 60.64 -33.57
CA LEU A 133 -46.65 59.32 -34.12
C LEU A 133 -47.71 59.45 -35.23
N ASP A 134 -47.71 58.49 -36.16
CA ASP A 134 -48.70 58.46 -37.26
C ASP A 134 -50.05 58.26 -36.61
N ASP A 135 -50.07 57.39 -35.61
CA ASP A 135 -51.29 57.16 -34.87
C ASP A 135 -51.04 57.39 -33.38
N PRO A 136 -51.40 58.56 -32.85
CA PRO A 136 -51.21 58.91 -31.43
C PRO A 136 -52.27 58.36 -30.47
N THR A 137 -53.00 57.36 -30.94
CA THR A 137 -54.07 56.76 -30.16
C THR A 137 -53.61 56.16 -28.88
N GLY A 138 -54.27 56.52 -27.80
CA GLY A 138 -53.92 55.94 -26.51
C GLY A 138 -52.83 56.60 -25.75
N TYR A 139 -52.27 57.69 -26.26
CA TYR A 139 -51.20 58.39 -25.55
C TYR A 139 -51.60 59.81 -25.21
N GLY A 140 -50.96 60.37 -24.19
CA GLY A 140 -51.18 61.76 -23.81
C GLY A 140 -50.90 62.74 -24.96
N ARG A 141 -51.82 63.66 -25.19
CA ARG A 141 -51.66 64.62 -26.26
C ARG A 141 -51.05 65.94 -25.81
N ILE A 142 -50.01 66.38 -26.50
CA ILE A 142 -49.34 67.64 -26.18
C ILE A 142 -50.10 68.85 -26.77
N THR A 143 -50.49 69.78 -25.90
CA THR A 143 -51.20 70.96 -26.37
C THR A 143 -50.26 72.15 -26.29
N ARG A 144 -50.34 73.01 -27.30
CA ARG A 144 -49.52 74.20 -27.41
C ARG A 144 -50.32 75.51 -27.69
N GLU A 145 -49.80 76.61 -27.15
CA GLU A 145 -50.38 77.92 -27.39
C GLU A 145 -49.27 78.81 -27.96
N ASN A 146 -49.41 79.16 -29.24
CA ASN A 146 -48.42 79.99 -29.89
C ASN A 146 -47.10 79.30 -29.88
N GLY A 147 -47.12 77.98 -30.11
CA GLY A 147 -45.91 77.17 -30.16
C GLY A 147 -45.34 76.72 -28.82
N LYS A 148 -45.95 77.19 -27.75
CA LYS A 148 -45.49 76.85 -26.42
C LYS A 148 -46.33 75.76 -25.78
N VAL A 149 -45.67 74.74 -25.24
CA VAL A 149 -46.36 73.63 -24.57
C VAL A 149 -47.05 74.19 -23.35
N THR A 150 -48.36 73.99 -23.27
CA THR A 150 -49.09 74.52 -22.14
C THR A 150 -49.66 73.40 -21.27
N GLY A 151 -49.56 72.16 -21.73
CA GLY A 151 -50.07 71.05 -20.96
C GLY A 151 -50.16 69.77 -21.76
N ILE A 152 -50.71 68.73 -21.13
CA ILE A 152 -50.90 67.40 -21.71
C ILE A 152 -52.30 66.91 -21.40
N VAL A 153 -52.99 66.36 -22.40
CA VAL A 153 -54.34 65.82 -22.23
C VAL A 153 -54.32 64.34 -22.53
N GLU A 154 -54.73 63.53 -21.57
CA GLU A 154 -54.72 62.09 -21.76
C GLU A 154 -55.73 61.68 -22.79
N HIS A 155 -55.50 60.54 -23.44
CA HIS A 155 -56.40 60.05 -24.48
C HIS A 155 -57.84 59.92 -24.00
N LYS A 156 -58.01 59.36 -22.82
CA LYS A 156 -59.34 59.16 -22.30
C LYS A 156 -60.06 60.48 -22.05
N ASP A 157 -59.31 61.53 -21.76
CA ASP A 157 -59.87 62.84 -21.47
C ASP A 157 -59.99 63.77 -22.70
N ALA A 158 -59.12 63.52 -23.68
CA ALA A 158 -59.10 64.32 -24.88
C ALA A 158 -60.35 64.15 -25.72
N THR A 159 -60.72 65.22 -26.41
CA THR A 159 -61.87 65.20 -27.30
C THR A 159 -61.45 64.68 -28.69
N ASP A 160 -62.41 64.36 -29.55
CA ASP A 160 -62.01 63.90 -30.87
C ASP A 160 -61.04 64.89 -31.51
N GLU A 161 -61.41 66.17 -31.53
CA GLU A 161 -60.57 67.18 -32.14
C GLU A 161 -59.15 67.14 -31.54
N GLN A 162 -59.06 67.02 -30.23
CA GLN A 162 -57.75 67.01 -29.61
C GLN A 162 -56.97 65.74 -29.94
N ARG A 163 -57.69 64.63 -30.10
CA ARG A 163 -57.01 63.38 -30.44
C ARG A 163 -56.37 63.45 -31.82
N GLN A 164 -56.59 64.57 -32.52
CA GLN A 164 -56.02 64.80 -33.84
C GLN A 164 -54.54 65.14 -33.68
N ILE A 165 -54.18 65.68 -32.53
CA ILE A 165 -52.79 66.09 -32.26
C ILE A 165 -51.92 64.86 -32.29
N GLN A 166 -50.82 64.92 -33.04
CA GLN A 166 -49.95 63.74 -33.14
C GLN A 166 -48.75 63.79 -32.23
N GLU A 167 -48.46 64.95 -31.66
CA GLU A 167 -47.35 65.06 -30.73
C GLU A 167 -47.80 64.47 -29.38
N ILE A 168 -47.28 63.30 -29.03
CA ILE A 168 -47.64 62.67 -27.78
C ILE A 168 -46.53 62.67 -26.74
N ASN A 169 -46.94 62.50 -25.49
CA ASN A 169 -46.03 62.46 -24.38
C ASN A 169 -45.43 61.08 -24.25
N THR A 170 -44.10 61.00 -24.11
CA THR A 170 -43.41 59.70 -23.97
C THR A 170 -43.39 59.31 -22.48
N GLY A 171 -43.61 60.29 -21.61
CA GLY A 171 -43.56 59.99 -20.20
C GLY A 171 -42.31 60.58 -19.55
N ILE A 172 -41.24 60.73 -20.33
CA ILE A 172 -40.00 61.26 -19.80
C ILE A 172 -40.02 62.78 -19.67
N LEU A 173 -39.67 63.26 -18.49
CA LEU A 173 -39.63 64.69 -18.26
C LEU A 173 -38.66 64.99 -17.11
N ILE A 174 -38.17 66.23 -17.05
CA ILE A 174 -37.25 66.60 -16.00
C ILE A 174 -37.61 67.97 -15.46
N ALA A 175 -37.55 68.14 -14.13
CA ALA A 175 -37.84 69.43 -13.48
C ALA A 175 -37.12 69.55 -12.14
N ASN A 176 -37.14 70.73 -11.54
CA ASN A 176 -36.50 70.94 -10.25
C ASN A 176 -37.26 70.30 -9.06
N GLY A 177 -36.52 69.63 -8.18
CA GLY A 177 -37.16 68.96 -7.06
C GLY A 177 -38.21 69.75 -6.28
N ALA A 178 -37.82 70.97 -5.90
CA ALA A 178 -38.70 71.88 -5.18
C ALA A 178 -39.95 72.12 -6.03
N ASP A 179 -39.75 72.41 -7.31
CA ASP A 179 -40.90 72.65 -8.21
C ASP A 179 -41.80 71.41 -8.31
N MET A 180 -41.18 70.25 -8.44
CA MET A 180 -41.91 68.99 -8.51
C MET A 180 -42.83 68.83 -7.32
N LYS A 181 -42.31 69.09 -6.12
CA LYS A 181 -43.10 68.95 -4.88
C LYS A 181 -44.29 69.89 -4.82
N ARG A 182 -44.08 71.15 -5.20
CA ARG A 182 -45.14 72.16 -5.18
C ARG A 182 -46.30 71.72 -6.06
N TRP A 183 -46.01 71.30 -7.29
CA TRP A 183 -47.04 70.84 -8.21
C TRP A 183 -47.69 69.51 -7.77
N LEU A 184 -46.86 68.52 -7.45
CA LEU A 184 -47.35 67.21 -7.03
C LEU A 184 -48.39 67.34 -5.93
N ALA A 185 -48.19 68.29 -5.01
CA ALA A 185 -49.12 68.48 -3.88
C ALA A 185 -50.51 68.93 -4.31
N LYS A 186 -50.59 69.55 -5.49
CA LYS A 186 -51.85 70.07 -6.00
C LYS A 186 -52.59 69.10 -6.94
N LEU A 187 -52.17 67.84 -6.98
CA LEU A 187 -52.79 66.90 -7.91
C LEU A 187 -54.10 66.35 -7.41
N THR A 188 -55.10 66.40 -8.29
CA THR A 188 -56.42 65.88 -7.96
C THR A 188 -56.73 64.77 -8.93
N ASN A 189 -57.68 63.90 -8.58
CA ASN A 189 -58.02 62.81 -9.47
C ASN A 189 -59.40 62.98 -10.12
N ASN A 190 -59.71 64.20 -10.55
CA ASN A 190 -60.99 64.46 -11.19
C ASN A 190 -60.86 64.37 -12.69
N ASN A 191 -60.62 63.16 -13.17
CA ASN A 191 -60.49 62.98 -14.61
C ASN A 191 -61.05 61.64 -15.06
N ALA A 192 -60.90 61.37 -16.36
CA ALA A 192 -61.42 60.13 -16.91
C ALA A 192 -60.99 58.94 -16.08
N GLN A 193 -59.71 58.55 -16.16
CA GLN A 193 -59.17 57.39 -15.43
C GLN A 193 -59.54 57.48 -13.94
N GLY A 194 -59.66 58.69 -13.42
CA GLY A 194 -59.95 58.85 -12.01
C GLY A 194 -58.71 58.53 -11.18
N GLU A 195 -57.56 58.94 -11.72
CA GLU A 195 -56.27 58.69 -11.08
C GLU A 195 -55.47 59.98 -10.95
N TYR A 196 -54.28 59.89 -10.40
CA TYR A 196 -53.44 61.07 -10.27
C TYR A 196 -52.43 61.14 -11.40
N TYR A 197 -52.67 62.07 -12.32
CA TYR A 197 -51.84 62.26 -13.51
C TYR A 197 -50.59 63.06 -13.21
N ILE A 198 -49.43 62.48 -13.51
CA ILE A 198 -48.18 63.18 -13.30
C ILE A 198 -48.13 64.22 -14.39
N THR A 199 -48.91 63.97 -15.43
CA THR A 199 -48.96 64.86 -16.57
C THR A 199 -49.64 66.22 -16.27
N ASP A 200 -50.36 66.29 -15.17
CA ASP A 200 -51.01 67.56 -14.81
C ASP A 200 -50.02 68.63 -14.42
N ILE A 201 -48.81 68.24 -14.01
CA ILE A 201 -47.82 69.23 -13.57
C ILE A 201 -47.42 70.14 -14.71
N ILE A 202 -47.59 69.65 -15.93
CA ILE A 202 -47.24 70.44 -17.11
C ILE A 202 -48.08 71.72 -17.13
N ALA A 203 -49.39 71.60 -16.95
CA ALA A 203 -50.28 72.79 -16.93
C ALA A 203 -49.95 73.64 -15.71
N LEU A 204 -49.84 73.00 -14.56
CA LEU A 204 -49.53 73.69 -13.31
C LEU A 204 -48.29 74.56 -13.48
N ALA A 205 -47.33 74.07 -14.23
CA ALA A 205 -46.13 74.87 -14.43
C ALA A 205 -46.41 76.04 -15.40
N TYR A 206 -47.22 75.76 -16.40
CA TYR A 206 -47.53 76.78 -17.37
C TYR A 206 -48.27 77.94 -16.76
N GLN A 207 -49.20 77.64 -15.86
CA GLN A 207 -49.98 78.70 -15.27
C GLN A 207 -49.24 79.44 -14.20
N GLU A 208 -48.11 78.87 -13.75
CA GLU A 208 -47.30 79.49 -12.72
C GLU A 208 -46.31 80.42 -13.39
N GLY A 209 -46.41 80.51 -14.70
CA GLY A 209 -45.50 81.34 -15.48
C GLY A 209 -44.24 80.60 -15.91
N ARG A 210 -44.05 79.37 -15.45
CA ARG A 210 -42.89 78.57 -15.84
C ARG A 210 -43.06 78.16 -17.31
N GLU A 211 -41.95 77.91 -18.00
CA GLU A 211 -42.08 77.49 -19.40
C GLU A 211 -41.64 76.04 -19.58
N ILE A 212 -42.37 75.30 -20.42
CA ILE A 212 -42.03 73.90 -20.68
C ILE A 212 -41.51 73.76 -22.11
N VAL A 213 -40.35 73.13 -22.25
CA VAL A 213 -39.75 72.99 -23.59
C VAL A 213 -39.83 71.57 -24.01
N ALA A 214 -40.01 71.32 -25.30
CA ALA A 214 -40.13 69.95 -25.75
C ALA A 214 -38.93 69.56 -26.56
N VAL A 215 -38.45 68.35 -26.32
CA VAL A 215 -37.32 67.75 -27.02
C VAL A 215 -37.76 66.38 -27.59
N HIS A 216 -37.25 66.02 -28.76
CA HIS A 216 -37.63 64.75 -29.39
C HIS A 216 -36.46 63.80 -29.38
N PRO A 217 -36.74 62.48 -29.34
CA PRO A 217 -35.68 61.46 -29.32
C PRO A 217 -35.10 61.20 -30.69
N GLN A 218 -33.95 60.52 -30.71
CA GLN A 218 -33.26 60.13 -31.94
C GLN A 218 -34.14 59.14 -32.74
N ARG A 219 -34.59 58.08 -32.06
CA ARG A 219 -35.40 57.04 -32.72
C ARG A 219 -36.64 56.71 -31.90
N LEU A 220 -37.69 56.24 -32.56
CA LEU A 220 -38.93 55.84 -31.86
C LEU A 220 -38.64 54.74 -30.87
N SER A 221 -37.91 53.71 -31.30
CA SER A 221 -37.54 52.60 -30.41
C SER A 221 -37.00 53.09 -29.05
N GLU A 222 -36.38 54.26 -29.02
CA GLU A 222 -35.85 54.83 -27.79
C GLU A 222 -36.85 54.90 -26.64
N VAL A 223 -38.07 55.35 -26.95
CA VAL A 223 -39.11 55.52 -25.96
C VAL A 223 -40.25 54.50 -26.04
N GLU A 224 -39.95 53.33 -26.61
CA GLU A 224 -40.94 52.25 -26.67
C GLU A 224 -41.00 51.46 -25.38
N GLY A 225 -42.24 51.20 -24.95
CA GLY A 225 -42.48 50.47 -23.72
C GLY A 225 -42.80 49.02 -24.01
N VAL A 226 -42.53 48.15 -23.02
CA VAL A 226 -42.80 46.72 -23.16
C VAL A 226 -43.91 46.24 -22.20
N ASN A 227 -45.02 45.76 -22.76
CA ASN A 227 -46.15 45.24 -21.97
C ASN A 227 -46.30 43.75 -22.17
N ASN A 228 -45.78 43.20 -23.26
CA ASN A 228 -45.86 41.76 -23.51
C ASN A 228 -44.55 41.30 -24.07
N ARG A 229 -44.38 39.99 -24.23
CA ARG A 229 -43.13 39.39 -24.72
C ARG A 229 -42.80 39.68 -26.17
N LEU A 230 -43.83 39.86 -26.99
CA LEU A 230 -43.62 40.15 -28.41
C LEU A 230 -42.96 41.52 -28.59
N GLN A 231 -43.33 42.46 -27.74
CA GLN A 231 -42.73 43.78 -27.82
C GLN A 231 -41.30 43.70 -27.30
N LEU A 232 -41.08 42.85 -26.31
CA LEU A 232 -39.73 42.70 -25.78
C LEU A 232 -38.74 42.16 -26.89
N SER A 233 -39.23 41.17 -27.64
CA SER A 233 -38.46 40.52 -28.71
C SER A 233 -38.15 41.54 -29.75
N ARG A 234 -39.09 42.44 -30.00
CA ARG A 234 -38.86 43.46 -31.00
C ARG A 234 -37.70 44.39 -30.61
N LEU A 235 -37.68 44.82 -29.35
CA LEU A 235 -36.64 45.71 -28.88
C LEU A 235 -35.35 44.95 -28.77
N GLU A 236 -35.44 43.63 -28.60
CA GLU A 236 -34.24 42.79 -28.52
C GLU A 236 -33.46 42.92 -29.85
N ARG A 237 -34.22 42.89 -30.95
CA ARG A 237 -33.66 42.97 -32.31
C ARG A 237 -33.06 44.35 -32.56
N VAL A 238 -33.75 45.37 -32.08
CA VAL A 238 -33.23 46.71 -32.26
C VAL A 238 -31.89 46.82 -31.54
N TYR A 239 -31.84 46.38 -30.29
CA TYR A 239 -30.63 46.46 -29.50
C TYR A 239 -29.48 45.71 -30.19
N GLN A 240 -29.77 44.47 -30.58
CA GLN A 240 -28.78 43.64 -31.23
C GLN A 240 -28.31 44.25 -32.53
N SER A 241 -29.24 44.77 -33.33
CA SER A 241 -28.88 45.40 -34.59
C SER A 241 -27.98 46.60 -34.39
N GLU A 242 -28.27 47.42 -33.38
CA GLU A 242 -27.44 48.57 -33.12
C GLU A 242 -26.05 48.14 -32.65
N GLN A 243 -25.99 47.14 -31.78
CA GLN A 243 -24.73 46.63 -31.28
C GLN A 243 -23.90 46.10 -32.43
N ALA A 244 -24.48 45.23 -33.26
CA ALA A 244 -23.76 44.64 -34.39
C ALA A 244 -23.22 45.73 -35.27
N GLU A 245 -24.08 46.67 -35.57
CA GLU A 245 -23.72 47.77 -36.41
C GLU A 245 -22.51 48.54 -35.87
N LYS A 246 -22.47 48.78 -34.56
CA LYS A 246 -21.34 49.50 -33.95
C LYS A 246 -20.02 48.72 -34.07
N LEU A 247 -20.14 47.39 -33.94
CA LEU A 247 -18.99 46.49 -34.01
C LEU A 247 -18.44 46.45 -35.43
N LEU A 248 -19.33 46.42 -36.40
CA LEU A 248 -18.90 46.41 -37.78
C LEU A 248 -18.11 47.70 -38.10
N LEU A 249 -18.70 48.83 -37.73
CA LEU A 249 -18.08 50.12 -37.99
C LEU A 249 -16.86 50.29 -37.12
N ALA A 250 -16.73 49.44 -36.12
CA ALA A 250 -15.59 49.53 -35.22
C ALA A 250 -14.43 48.64 -35.65
N GLY A 251 -14.63 47.88 -36.74
CA GLY A 251 -13.61 47.00 -37.30
C GLY A 251 -13.75 45.50 -37.07
N VAL A 252 -14.86 45.13 -36.46
CA VAL A 252 -15.15 43.73 -36.20
C VAL A 252 -16.00 43.19 -37.34
N MET A 253 -15.53 42.14 -38.01
CA MET A 253 -16.29 41.55 -39.10
C MET A 253 -17.37 40.53 -38.67
N LEU A 254 -18.61 40.81 -38.99
CA LEU A 254 -19.64 39.86 -38.63
C LEU A 254 -20.20 39.33 -39.91
N ARG A 255 -20.06 38.03 -40.14
CA ARG A 255 -20.58 37.32 -41.33
C ARG A 255 -22.03 37.68 -41.58
N ASP A 256 -22.83 37.70 -40.52
CA ASP A 256 -24.22 38.10 -40.63
C ASP A 256 -24.71 38.78 -39.35
N PRO A 257 -24.81 40.13 -39.35
CA PRO A 257 -25.26 40.90 -38.16
C PRO A 257 -26.62 40.46 -37.63
N ALA A 258 -27.49 40.01 -38.53
CA ALA A 258 -28.80 39.57 -38.12
C ALA A 258 -28.69 38.29 -37.33
N ARG A 259 -27.55 37.63 -37.46
CA ARG A 259 -27.33 36.37 -36.76
C ARG A 259 -26.15 36.48 -35.81
N PHE A 260 -26.24 37.44 -34.90
CA PHE A 260 -25.22 37.71 -33.90
C PHE A 260 -25.87 38.25 -32.62
N ASP A 261 -25.47 37.78 -31.46
CA ASP A 261 -26.08 38.30 -30.24
C ASP A 261 -25.00 38.59 -29.24
N LEU A 262 -25.02 39.79 -28.69
CA LEU A 262 -24.06 40.21 -27.67
C LEU A 262 -24.84 40.48 -26.38
N ARG A 263 -24.60 39.69 -25.35
CA ARG A 263 -25.32 39.86 -24.10
C ARG A 263 -24.33 40.13 -23.00
N GLY A 264 -23.68 41.28 -23.08
CA GLY A 264 -22.67 41.66 -22.11
C GLY A 264 -21.73 42.68 -22.71
N THR A 265 -20.44 42.47 -22.54
CA THR A 265 -19.47 43.45 -23.02
C THR A 265 -18.47 42.74 -23.85
N LEU A 266 -18.04 43.36 -24.94
CA LEU A 266 -17.05 42.71 -25.78
C LEU A 266 -15.87 43.59 -26.11
N THR A 267 -14.68 43.29 -25.58
CA THR A 267 -13.47 44.05 -25.87
C THR A 267 -12.84 43.33 -27.08
N HIS A 268 -12.17 44.05 -27.99
CA HIS A 268 -11.62 43.36 -29.14
C HIS A 268 -10.39 44.03 -29.73
N GLY A 269 -9.69 43.27 -30.58
CA GLY A 269 -8.51 43.78 -31.24
C GLY A 269 -8.87 44.06 -32.69
N ARG A 270 -7.87 44.04 -33.55
CA ARG A 270 -8.11 44.31 -34.95
C ARG A 270 -8.38 43.02 -35.73
N ASP A 271 -9.09 43.16 -36.84
CA ASP A 271 -9.40 42.04 -37.72
C ASP A 271 -10.00 40.81 -37.08
N VAL A 272 -10.92 41.01 -36.15
CA VAL A 272 -11.58 39.88 -35.52
C VAL A 272 -12.69 39.46 -36.47
N GLU A 273 -12.81 38.16 -36.70
CA GLU A 273 -13.83 37.64 -37.62
C GLU A 273 -14.81 36.66 -36.93
N ILE A 274 -16.10 36.99 -36.98
CA ILE A 274 -17.13 36.18 -36.34
C ILE A 274 -18.18 35.65 -37.31
N ASP A 275 -18.33 34.35 -37.35
CA ASP A 275 -19.30 33.79 -38.28
C ASP A 275 -20.72 33.86 -37.75
N THR A 276 -21.66 33.40 -38.55
CA THR A 276 -23.08 33.41 -38.17
C THR A 276 -23.47 32.61 -36.89
N ASN A 277 -24.55 33.04 -36.23
CA ASN A 277 -25.08 32.36 -35.04
C ASN A 277 -24.11 32.23 -33.88
N VAL A 278 -23.43 33.32 -33.54
CA VAL A 278 -22.48 33.29 -32.46
C VAL A 278 -23.08 34.11 -31.35
N ILE A 279 -22.88 33.64 -30.11
CA ILE A 279 -23.41 34.36 -28.95
C ILE A 279 -22.34 34.71 -27.94
N ILE A 280 -22.21 35.98 -27.60
CA ILE A 280 -21.23 36.42 -26.59
C ILE A 280 -21.95 36.80 -25.29
N GLU A 281 -21.59 36.17 -24.18
CA GLU A 281 -22.23 36.46 -22.89
C GLU A 281 -21.20 36.91 -21.85
N GLY A 282 -21.63 37.82 -20.99
CA GLY A 282 -20.80 38.37 -19.92
C GLY A 282 -19.71 39.22 -20.53
N ASN A 283 -18.55 39.23 -19.88
CA ASN A 283 -17.41 40.00 -20.36
C ASN A 283 -16.45 39.10 -21.18
N VAL A 284 -16.33 39.41 -22.47
CA VAL A 284 -15.46 38.68 -23.36
C VAL A 284 -14.37 39.58 -23.97
N THR A 285 -13.13 39.10 -23.95
CA THR A 285 -11.99 39.83 -24.50
C THR A 285 -11.43 39.05 -25.66
N LEU A 286 -11.37 39.69 -26.83
CA LEU A 286 -10.86 39.08 -28.06
C LEU A 286 -9.63 39.80 -28.55
N GLY A 287 -8.54 39.06 -28.65
CA GLY A 287 -7.31 39.62 -29.15
C GLY A 287 -7.34 39.93 -30.65
N HIS A 288 -6.19 40.21 -31.24
CA HIS A 288 -6.10 40.54 -32.66
C HIS A 288 -6.29 39.30 -33.52
N ARG A 289 -6.89 39.48 -34.69
CA ARG A 289 -7.08 38.39 -35.62
C ARG A 289 -7.73 37.12 -35.07
N VAL A 290 -8.68 37.27 -34.17
CA VAL A 290 -9.35 36.10 -33.63
C VAL A 290 -10.46 35.63 -34.57
N LYS A 291 -10.48 34.34 -34.87
CA LYS A 291 -11.51 33.79 -35.76
C LYS A 291 -12.51 32.92 -34.96
N ILE A 292 -13.81 33.18 -35.12
CA ILE A 292 -14.82 32.39 -34.43
C ILE A 292 -15.80 31.74 -35.41
N GLY A 293 -15.83 30.42 -35.48
CA GLY A 293 -16.72 29.78 -36.41
C GLY A 293 -18.19 29.91 -36.05
N THR A 294 -19.06 29.43 -36.93
CA THR A 294 -20.49 29.53 -36.72
C THR A 294 -21.04 28.76 -35.52
N GLY A 295 -22.07 29.33 -34.91
CA GLY A 295 -22.70 28.65 -33.80
C GLY A 295 -21.92 28.58 -32.52
N CYS A 296 -20.91 29.41 -32.37
CA CYS A 296 -20.15 29.37 -31.14
C CYS A 296 -20.77 30.17 -29.99
N VAL A 297 -20.48 29.74 -28.76
CA VAL A 297 -21.00 30.42 -27.57
C VAL A 297 -19.83 30.73 -26.63
N ILE A 298 -19.56 32.00 -26.40
CA ILE A 298 -18.45 32.44 -25.55
C ILE A 298 -18.93 33.29 -24.39
N LYS A 299 -18.59 32.86 -23.18
CA LYS A 299 -19.02 33.57 -21.97
C LYS A 299 -17.90 33.85 -20.97
N ASN A 300 -17.78 35.09 -20.54
CA ASN A 300 -16.79 35.44 -19.56
C ASN A 300 -15.46 34.76 -19.82
N SER A 301 -14.89 35.03 -20.98
CA SER A 301 -13.64 34.40 -21.32
C SER A 301 -12.64 35.37 -21.95
N VAL A 302 -11.37 34.97 -21.95
CA VAL A 302 -10.33 35.77 -22.58
C VAL A 302 -9.68 34.96 -23.73
N ILE A 303 -9.61 35.54 -24.92
CA ILE A 303 -9.01 34.84 -26.04
C ILE A 303 -7.87 35.64 -26.68
N GLY A 304 -6.67 35.09 -26.65
CA GLY A 304 -5.50 35.79 -27.15
C GLY A 304 -5.45 35.97 -28.64
N ASP A 305 -4.37 36.60 -29.12
CA ASP A 305 -4.17 36.86 -30.53
C ASP A 305 -4.19 35.61 -31.37
N ASP A 306 -4.60 35.78 -32.62
CA ASP A 306 -4.65 34.73 -33.64
C ASP A 306 -5.29 33.40 -33.25
N CYS A 307 -6.22 33.44 -32.30
CA CYS A 307 -6.88 32.21 -31.92
C CYS A 307 -7.94 31.84 -32.95
N GLU A 308 -8.18 30.56 -33.10
CA GLU A 308 -9.15 30.10 -34.07
C GLU A 308 -10.14 29.17 -33.38
N ILE A 309 -11.39 29.63 -33.23
CA ILE A 309 -12.43 28.84 -32.57
C ILE A 309 -13.31 28.21 -33.66
N SER A 310 -13.21 26.90 -33.82
CA SER A 310 -13.99 26.20 -34.84
C SER A 310 -15.46 26.15 -34.51
N PRO A 311 -16.29 25.86 -35.50
CA PRO A 311 -17.75 25.79 -35.30
C PRO A 311 -18.26 25.04 -34.07
N TYR A 312 -19.39 25.49 -33.55
CA TYR A 312 -20.04 24.84 -32.42
C TYR A 312 -19.16 24.47 -31.25
N THR A 313 -18.60 25.49 -30.64
CA THR A 313 -17.76 25.32 -29.49
C THR A 313 -18.31 26.18 -28.37
N VAL A 314 -18.44 25.62 -27.17
CA VAL A 314 -19.00 26.35 -26.03
C VAL A 314 -17.88 26.63 -25.06
N VAL A 315 -17.71 27.89 -24.74
CA VAL A 315 -16.66 28.31 -23.83
C VAL A 315 -17.21 29.19 -22.70
N GLU A 316 -16.80 28.90 -21.47
CA GLU A 316 -17.22 29.70 -20.30
C GLU A 316 -16.09 29.84 -19.27
N ASP A 317 -15.79 31.08 -18.84
CA ASP A 317 -14.73 31.35 -17.86
C ASP A 317 -13.44 30.65 -18.19
N ALA A 318 -13.05 30.74 -19.45
CA ALA A 318 -11.84 30.10 -19.91
C ALA A 318 -10.85 31.19 -20.29
N ASN A 319 -9.58 30.80 -20.42
CA ASN A 319 -8.51 31.73 -20.79
C ASN A 319 -7.61 31.06 -21.82
N LEU A 320 -7.63 31.55 -23.07
CA LEU A 320 -6.80 30.99 -24.15
C LEU A 320 -5.69 31.93 -24.50
N ALA A 321 -4.48 31.42 -24.49
CA ALA A 321 -3.31 32.21 -24.83
C ALA A 321 -3.32 32.41 -26.34
N ALA A 322 -2.25 33.00 -26.85
CA ALA A 322 -2.15 33.25 -28.28
C ALA A 322 -2.03 32.00 -29.10
N ALA A 323 -2.57 32.07 -30.31
CA ALA A 323 -2.46 31.03 -31.31
C ALA A 323 -3.04 29.73 -30.92
N CYS A 324 -4.18 29.76 -30.27
CA CYS A 324 -4.78 28.51 -29.87
C CYS A 324 -5.85 28.12 -30.85
N THR A 325 -6.09 26.82 -30.96
CA THR A 325 -7.12 26.33 -31.86
C THR A 325 -7.96 25.30 -31.15
N ILE A 326 -9.26 25.56 -30.97
CA ILE A 326 -10.16 24.63 -30.28
C ILE A 326 -11.40 24.35 -31.14
N GLY A 327 -11.94 23.15 -31.01
CA GLY A 327 -13.12 22.79 -31.76
C GLY A 327 -12.82 22.13 -33.10
N PRO A 328 -13.83 21.82 -33.88
CA PRO A 328 -15.23 22.04 -33.56
C PRO A 328 -15.73 21.10 -32.46
N PHE A 329 -16.90 21.38 -31.94
CA PHE A 329 -17.48 20.52 -30.92
C PHE A 329 -16.61 20.40 -29.64
N ALA A 330 -16.06 21.50 -29.17
CA ALA A 330 -15.25 21.50 -27.97
C ALA A 330 -16.07 22.21 -26.89
N ARG A 331 -15.90 21.79 -25.65
CA ARG A 331 -16.63 22.38 -24.53
C ARG A 331 -15.68 22.78 -23.38
N LEU A 332 -15.42 24.07 -23.23
CA LEU A 332 -14.53 24.51 -22.18
C LEU A 332 -15.32 25.08 -21.00
N ARG A 333 -15.14 24.46 -19.82
CA ARG A 333 -15.86 24.86 -18.63
C ARG A 333 -15.01 25.73 -17.73
N PRO A 334 -15.63 26.33 -16.71
CA PRO A 334 -14.86 27.19 -15.83
C PRO A 334 -13.53 26.64 -15.42
N GLY A 335 -12.49 27.45 -15.55
CA GLY A 335 -11.17 27.03 -15.14
C GLY A 335 -10.32 26.48 -16.24
N ALA A 336 -10.84 26.54 -17.44
CA ALA A 336 -10.09 26.05 -18.56
C ALA A 336 -9.04 27.06 -19.01
N GLU A 337 -7.81 26.59 -19.10
CA GLU A 337 -6.72 27.44 -19.56
C GLU A 337 -5.90 26.74 -20.62
N LEU A 338 -5.61 27.45 -21.70
CA LEU A 338 -4.76 26.93 -22.78
C LEU A 338 -3.56 27.86 -23.00
N LEU A 339 -2.36 27.31 -22.98
CA LEU A 339 -1.16 28.14 -23.19
C LEU A 339 -0.88 28.27 -24.68
N GLU A 340 0.12 29.05 -25.05
CA GLU A 340 0.45 29.30 -26.45
C GLU A 340 0.40 28.11 -27.39
N GLY A 341 -0.32 28.26 -28.50
CA GLY A 341 -0.38 27.20 -29.47
C GLY A 341 -1.03 25.90 -29.07
N ALA A 342 -1.74 25.89 -27.95
CA ALA A 342 -2.47 24.72 -27.51
C ALA A 342 -3.60 24.38 -28.48
N HIS A 343 -3.92 23.09 -28.56
CA HIS A 343 -4.98 22.60 -29.43
C HIS A 343 -5.93 21.61 -28.75
N VAL A 344 -7.22 21.85 -28.92
CA VAL A 344 -8.25 20.98 -28.38
C VAL A 344 -9.14 20.59 -29.54
N GLY A 345 -9.25 19.29 -29.83
CA GLY A 345 -10.08 18.84 -30.92
C GLY A 345 -11.57 18.74 -30.62
N ASN A 346 -12.26 17.94 -31.43
CA ASN A 346 -13.68 17.69 -31.29
C ASN A 346 -14.03 16.67 -30.18
N PHE A 347 -15.19 16.90 -29.54
CA PHE A 347 -15.68 16.03 -28.48
C PHE A 347 -14.70 16.03 -27.32
N VAL A 348 -14.20 17.22 -26.97
CA VAL A 348 -13.24 17.32 -25.90
C VAL A 348 -13.73 18.35 -24.89
N GLU A 349 -13.71 17.95 -23.61
CA GLU A 349 -14.14 18.82 -22.52
C GLU A 349 -13.05 19.15 -21.48
N MET A 350 -12.97 20.42 -21.07
CA MET A 350 -11.98 20.84 -20.08
C MET A 350 -12.64 21.65 -18.97
N LYS A 351 -12.38 21.23 -17.75
CA LYS A 351 -12.89 21.86 -16.53
C LYS A 351 -11.75 21.96 -15.50
N LYS A 352 -11.45 23.19 -15.10
CA LYS A 352 -10.36 23.46 -14.18
C LYS A 352 -9.10 22.76 -14.68
N ALA A 353 -8.80 22.87 -15.96
CA ALA A 353 -7.62 22.18 -16.46
C ALA A 353 -6.77 23.13 -17.26
N ARG A 354 -5.47 22.92 -17.22
CA ARG A 354 -4.54 23.75 -17.97
C ARG A 354 -3.75 22.93 -19.02
N LEU A 355 -3.85 23.29 -20.29
CA LEU A 355 -3.12 22.59 -21.33
C LEU A 355 -1.89 23.45 -21.68
N GLY A 356 -0.67 22.93 -21.51
CA GLY A 356 0.53 23.73 -21.81
C GLY A 356 0.79 24.13 -23.26
N LYS A 357 1.88 24.83 -23.47
CA LYS A 357 2.23 25.29 -24.80
C LYS A 357 2.42 24.18 -25.83
N GLY A 358 1.75 24.31 -26.96
CA GLY A 358 1.89 23.33 -28.01
C GLY A 358 1.29 22.00 -27.68
N SER A 359 0.64 21.88 -26.52
CA SER A 359 0.04 20.60 -26.13
C SER A 359 -1.22 20.33 -26.93
N LYS A 360 -1.53 19.06 -27.17
CA LYS A 360 -2.70 18.73 -27.99
C LYS A 360 -3.66 17.75 -27.35
N ALA A 361 -4.94 18.12 -27.28
CA ALA A 361 -5.96 17.22 -26.73
C ALA A 361 -6.91 17.13 -27.91
N GLY A 362 -6.58 16.26 -28.85
CA GLY A 362 -7.36 16.10 -30.05
C GLY A 362 -8.75 15.50 -30.12
N HIS A 363 -9.09 14.48 -29.34
CA HIS A 363 -10.42 13.88 -29.47
C HIS A 363 -10.93 13.09 -28.30
N LEU A 364 -12.25 12.97 -28.23
CA LEU A 364 -12.95 12.21 -27.20
C LEU A 364 -12.25 12.21 -25.85
N THR A 365 -11.97 13.39 -25.31
CA THR A 365 -11.20 13.45 -24.07
C THR A 365 -11.85 14.31 -23.04
N TYR A 366 -11.64 13.96 -21.78
CA TYR A 366 -12.15 14.78 -20.68
C TYR A 366 -11.00 15.16 -19.74
N LEU A 367 -10.70 16.45 -19.58
CA LEU A 367 -9.63 16.89 -18.69
C LEU A 367 -10.24 17.74 -17.59
N GLY A 368 -10.21 17.25 -16.36
CA GLY A 368 -10.76 18.00 -15.24
C GLY A 368 -9.80 18.05 -14.05
N ASP A 369 -9.57 19.22 -13.48
CA ASP A 369 -8.68 19.31 -12.33
C ASP A 369 -7.29 18.78 -12.67
N ALA A 370 -6.71 19.27 -13.75
CA ALA A 370 -5.42 18.82 -14.16
C ALA A 370 -4.50 19.93 -14.63
N GLU A 371 -3.20 19.67 -14.53
CA GLU A 371 -2.18 20.59 -14.99
C GLU A 371 -1.30 19.83 -15.93
N ILE A 372 -1.38 20.19 -17.22
CA ILE A 372 -0.61 19.52 -18.25
C ILE A 372 0.47 20.39 -18.82
N GLY A 373 1.71 19.92 -18.79
CA GLY A 373 2.83 20.69 -19.28
C GLY A 373 2.83 21.00 -20.76
N ASP A 374 3.95 21.46 -21.28
CA ASP A 374 4.08 21.79 -22.69
C ASP A 374 4.54 20.59 -23.54
N ASN A 375 4.26 20.66 -24.85
CA ASN A 375 4.59 19.61 -25.81
C ASN A 375 4.04 18.25 -25.42
N VAL A 376 2.91 18.26 -24.73
CA VAL A 376 2.31 17.01 -24.30
C VAL A 376 1.29 16.62 -25.33
N ASN A 377 1.14 15.32 -25.52
CA ASN A 377 0.16 14.84 -26.47
C ASN A 377 -0.85 13.94 -25.77
N ILE A 378 -2.12 14.28 -25.78
CA ILE A 378 -3.17 13.47 -25.14
C ILE A 378 -3.94 12.73 -26.21
N GLY A 379 -3.84 11.40 -26.24
CA GLY A 379 -4.50 10.66 -27.30
C GLY A 379 -5.98 10.68 -27.08
N ALA A 380 -6.75 10.30 -28.08
CA ALA A 380 -8.19 10.26 -27.95
C ALA A 380 -8.65 9.25 -26.90
N GLY A 381 -9.74 9.57 -26.22
CA GLY A 381 -10.29 8.63 -25.25
C GLY A 381 -9.68 8.77 -23.89
N THR A 382 -8.68 9.62 -23.78
CA THR A 382 -8.04 9.80 -22.51
C THR A 382 -8.99 10.50 -21.59
N ILE A 383 -9.02 10.07 -20.33
CA ILE A 383 -9.89 10.65 -19.33
C ILE A 383 -9.19 10.81 -17.97
N THR A 384 -9.44 11.92 -17.32
CA THR A 384 -8.89 12.13 -16.00
C THR A 384 -9.97 11.78 -14.95
N CYS A 385 -9.71 10.79 -14.11
CA CYS A 385 -10.64 10.43 -13.02
C CYS A 385 -10.34 11.32 -11.84
N ASN A 386 -11.10 12.41 -11.70
CA ASN A 386 -10.90 13.41 -10.65
C ASN A 386 -12.03 13.43 -9.61
N TYR A 387 -12.67 12.30 -9.36
CA TYR A 387 -13.82 12.25 -8.47
C TYR A 387 -13.99 10.82 -8.00
N ASP A 388 -13.87 10.64 -6.69
CA ASP A 388 -14.01 9.32 -6.09
C ASP A 388 -15.41 9.11 -5.56
N GLY A 389 -16.30 10.07 -5.87
CA GLY A 389 -17.68 10.04 -5.41
C GLY A 389 -17.93 11.00 -4.24
N ALA A 390 -16.86 11.54 -3.70
CA ALA A 390 -16.99 12.47 -2.59
C ALA A 390 -16.03 13.64 -2.76
N ASN A 391 -14.79 13.32 -3.14
CA ASN A 391 -13.77 14.35 -3.35
C ASN A 391 -13.25 14.36 -4.77
N LYS A 392 -12.60 15.45 -5.15
CA LYS A 392 -12.06 15.57 -6.50
C LYS A 392 -10.56 15.71 -6.36
N PHE A 393 -9.81 15.01 -7.22
CA PHE A 393 -8.35 15.05 -7.13
C PHE A 393 -7.68 15.56 -8.40
N LYS A 394 -6.50 16.12 -8.18
CA LYS A 394 -5.70 16.70 -9.24
C LYS A 394 -4.80 15.76 -10.05
N THR A 395 -4.70 16.05 -11.33
CA THR A 395 -3.82 15.26 -12.19
C THR A 395 -2.72 16.17 -12.74
N ILE A 396 -1.48 15.74 -12.58
CA ILE A 396 -0.34 16.51 -13.09
C ILE A 396 0.46 15.74 -14.15
N ILE A 397 0.69 16.38 -15.28
CA ILE A 397 1.47 15.74 -16.33
C ILE A 397 2.60 16.65 -16.78
N GLY A 398 3.84 16.27 -16.52
CA GLY A 398 5.00 17.08 -16.89
C GLY A 398 5.11 17.27 -18.38
N ASP A 399 6.15 17.98 -18.82
CA ASP A 399 6.36 18.27 -20.23
C ASP A 399 6.73 17.05 -21.08
N ASP A 400 6.70 17.22 -22.39
CA ASP A 400 7.07 16.19 -23.34
C ASP A 400 6.46 14.80 -23.06
N VAL A 401 5.26 14.80 -22.52
CA VAL A 401 4.62 13.56 -22.23
C VAL A 401 3.74 13.08 -23.38
N PHE A 402 3.75 11.77 -23.63
CA PHE A 402 2.91 11.18 -24.66
C PHE A 402 1.89 10.21 -23.99
N VAL A 403 0.60 10.56 -24.01
CA VAL A 403 -0.45 9.73 -23.40
C VAL A 403 -1.20 8.95 -24.45
N GLY A 404 -1.08 7.63 -24.38
CA GLY A 404 -1.77 6.78 -25.34
C GLY A 404 -3.27 6.94 -25.28
N SER A 405 -3.95 6.57 -26.35
CA SER A 405 -5.39 6.72 -26.36
C SER A 405 -6.12 5.83 -25.35
N ASP A 406 -7.33 6.24 -25.01
CA ASP A 406 -8.15 5.52 -24.05
C ASP A 406 -7.46 5.21 -22.73
N THR A 407 -6.64 6.17 -22.31
CA THR A 407 -5.91 6.07 -21.06
C THR A 407 -6.69 6.77 -19.96
N GLN A 408 -6.77 6.14 -18.81
CA GLN A 408 -7.46 6.81 -17.74
C GLN A 408 -6.46 7.05 -16.59
N LEU A 409 -6.30 8.32 -16.17
CA LEU A 409 -5.39 8.69 -15.07
C LEU A 409 -6.22 8.81 -13.80
N VAL A 410 -6.04 7.93 -12.82
CA VAL A 410 -6.79 8.02 -11.56
C VAL A 410 -6.09 9.00 -10.58
N ALA A 411 -6.68 10.19 -10.39
CA ALA A 411 -6.13 11.22 -9.49
C ALA A 411 -6.32 10.82 -8.01
N PRO A 412 -5.40 11.28 -7.13
CA PRO A 412 -4.25 12.12 -7.50
C PRO A 412 -3.06 11.33 -8.11
N VAL A 413 -2.52 11.80 -9.22
CA VAL A 413 -1.42 11.11 -9.86
C VAL A 413 -0.52 12.10 -10.60
N THR A 414 0.75 11.76 -10.74
CA THR A 414 1.70 12.64 -11.42
C THR A 414 2.50 11.88 -12.44
N VAL A 415 2.65 12.44 -13.63
CA VAL A 415 3.39 11.78 -14.71
C VAL A 415 4.61 12.62 -15.01
N GLY A 416 5.79 12.10 -14.73
CA GLY A 416 7.01 12.83 -14.99
C GLY A 416 7.19 13.26 -16.43
N LYS A 417 8.08 14.23 -16.62
CA LYS A 417 8.41 14.78 -17.91
C LYS A 417 9.00 13.70 -18.81
N GLY A 418 8.72 13.82 -20.12
CA GLY A 418 9.21 12.88 -21.13
C GLY A 418 8.68 11.47 -21.00
N ALA A 419 7.82 11.25 -20.03
CA ALA A 419 7.24 9.94 -19.81
C ALA A 419 6.29 9.54 -20.93
N THR A 420 6.02 8.24 -21.01
CA THR A 420 5.13 7.71 -22.04
C THR A 420 4.13 6.74 -21.41
N ILE A 421 2.86 6.88 -21.81
CA ILE A 421 1.84 5.98 -21.30
C ILE A 421 1.24 5.23 -22.46
N ALA A 422 1.37 3.90 -22.42
CA ALA A 422 0.83 3.01 -23.45
C ALA A 422 -0.69 3.18 -23.59
N ALA A 423 -1.22 2.94 -24.77
CA ALA A 423 -2.64 3.06 -24.97
C ALA A 423 -3.44 2.10 -24.06
N GLY A 424 -4.63 2.53 -23.65
CA GLY A 424 -5.46 1.68 -22.84
C GLY A 424 -4.89 1.40 -21.48
N THR A 425 -4.14 2.36 -20.93
CA THR A 425 -3.54 2.22 -19.63
C THR A 425 -4.33 2.91 -18.52
N THR A 426 -4.31 2.29 -17.35
CA THR A 426 -4.97 2.85 -16.19
C THR A 426 -3.86 3.28 -15.25
N VAL A 427 -3.66 4.59 -15.12
CA VAL A 427 -2.62 5.13 -14.24
C VAL A 427 -3.17 5.40 -12.84
N THR A 428 -2.71 4.60 -11.88
CA THR A 428 -3.11 4.71 -10.49
C THR A 428 -1.93 5.14 -9.66
N ARG A 429 -0.73 5.10 -10.23
CA ARG A 429 0.49 5.45 -9.52
C ARG A 429 1.27 6.44 -10.33
N ASN A 430 2.15 7.17 -9.65
CA ASN A 430 2.98 8.14 -10.34
C ASN A 430 3.90 7.46 -11.38
N VAL A 431 4.23 8.17 -12.47
CA VAL A 431 5.09 7.64 -13.49
C VAL A 431 6.40 8.42 -13.51
N GLY A 432 7.51 7.68 -13.47
CA GLY A 432 8.83 8.30 -13.49
C GLY A 432 9.11 9.08 -14.75
N GLU A 433 10.06 9.99 -14.70
CA GLU A 433 10.39 10.77 -15.88
C GLU A 433 11.07 9.87 -16.92
N ASN A 434 10.78 10.12 -18.20
CA ASN A 434 11.35 9.30 -19.27
C ASN A 434 11.04 7.81 -19.10
N ALA A 435 9.92 7.50 -18.49
CA ALA A 435 9.56 6.10 -18.29
C ALA A 435 8.28 5.74 -19.05
N LEU A 436 8.09 4.45 -19.28
CA LEU A 436 6.90 3.98 -19.95
C LEU A 436 5.96 3.33 -18.93
N ALA A 437 4.77 3.89 -18.77
CA ALA A 437 3.74 3.34 -17.89
C ALA A 437 2.84 2.42 -18.75
N ILE A 438 2.43 1.29 -18.17
CA ILE A 438 1.59 0.34 -18.88
C ILE A 438 0.82 -0.61 -17.94
N SER A 439 -0.31 -1.10 -18.42
CA SER A 439 -1.10 -2.02 -17.65
C SER A 439 -1.90 -2.76 -18.69
N ARG A 440 -1.19 -3.52 -19.54
CA ARG A 440 -1.80 -4.25 -20.66
C ARG A 440 -1.78 -5.76 -20.60
N VAL A 441 -2.89 -6.35 -21.04
CA VAL A 441 -3.00 -7.80 -21.08
C VAL A 441 -2.56 -8.21 -22.50
N PRO A 442 -1.59 -9.11 -22.62
CA PRO A 442 -1.14 -9.56 -23.94
C PRO A 442 -2.34 -10.02 -24.79
N GLN A 443 -2.41 -9.56 -26.03
CA GLN A 443 -3.47 -9.94 -26.98
C GLN A 443 -3.42 -11.43 -27.30
N THR A 444 -4.55 -12.11 -27.15
CA THR A 444 -4.59 -13.54 -27.44
C THR A 444 -5.63 -13.74 -28.54
N GLN A 445 -5.76 -14.97 -29.01
CA GLN A 445 -6.70 -15.17 -30.10
C GLN A 445 -7.35 -16.54 -30.03
N LYS A 446 -8.55 -16.64 -30.58
CA LYS A 446 -9.29 -17.92 -30.58
C LYS A 446 -9.83 -18.19 -31.98
N GLU A 447 -9.24 -19.18 -32.65
CA GLU A 447 -9.62 -19.54 -34.03
C GLU A 447 -11.10 -19.91 -34.25
N GLY A 448 -11.63 -19.56 -35.43
CA GLY A 448 -13.00 -19.89 -35.82
C GLY A 448 -14.06 -19.60 -34.78
N TRP A 449 -14.05 -18.36 -34.32
CA TRP A 449 -15.01 -17.94 -33.34
C TRP A 449 -16.28 -17.46 -34.03
N ARG A 450 -17.38 -18.16 -33.82
CA ARG A 450 -18.63 -17.72 -34.41
C ARG A 450 -19.46 -16.79 -33.45
N ARG A 451 -19.95 -15.67 -34.00
CA ARG A 451 -20.76 -14.75 -33.20
C ARG A 451 -22.20 -15.26 -33.12
N PRO A 452 -22.95 -14.86 -32.08
CA PRO A 452 -24.34 -15.31 -31.92
C PRO A 452 -25.18 -15.19 -33.20
N ASN B 3 36.16 -49.14 55.13
CA ASN B 3 37.46 -48.70 55.70
C ASN B 3 37.87 -47.30 55.23
N ASN B 4 38.27 -47.22 53.95
CA ASN B 4 38.72 -45.95 53.35
C ASN B 4 38.02 -45.61 52.03
N ALA B 5 38.36 -44.43 51.55
CA ALA B 5 37.80 -43.90 50.34
C ALA B 5 38.70 -44.23 49.12
N MET B 6 38.34 -43.65 47.98
CA MET B 6 39.15 -43.87 46.80
C MET B 6 38.99 -42.72 45.82
N SER B 7 40.01 -42.52 44.99
CA SER B 7 39.97 -41.49 43.95
C SER B 7 40.26 -42.14 42.61
N VAL B 8 39.67 -41.58 41.56
CA VAL B 8 39.87 -42.13 40.22
C VAL B 8 40.80 -41.25 39.39
N VAL B 9 41.62 -41.89 38.56
CA VAL B 9 42.53 -41.12 37.69
C VAL B 9 42.35 -41.64 36.26
N ILE B 10 42.03 -40.74 35.34
CA ILE B 10 41.83 -41.13 33.95
C ILE B 10 42.97 -40.57 33.10
N LEU B 11 43.76 -41.44 32.49
CA LEU B 11 44.89 -41.01 31.64
C LEU B 11 44.37 -40.76 30.24
N ALA B 12 44.51 -39.52 29.76
CA ALA B 12 44.06 -39.14 28.44
C ALA B 12 44.96 -38.13 27.76
N ALA B 13 46.19 -37.99 28.25
CA ALA B 13 47.10 -36.98 27.74
C ALA B 13 47.80 -37.44 26.52
N GLY B 14 47.80 -38.75 26.33
CA GLY B 14 48.48 -39.33 25.19
C GLY B 14 47.89 -38.97 23.85
N LYS B 15 48.71 -38.97 22.80
CA LYS B 15 48.18 -38.68 21.46
C LYS B 15 48.00 -40.01 20.73
N GLY B 16 46.89 -40.18 20.06
CA GLY B 16 46.75 -41.45 19.36
C GLY B 16 47.37 -41.43 17.97
N THR B 17 48.71 -41.44 17.92
CA THR B 17 49.41 -41.41 16.64
C THR B 17 48.89 -42.42 15.63
N ARG B 18 48.57 -43.62 16.13
CA ARG B 18 48.07 -44.69 15.30
C ARG B 18 46.65 -44.43 14.84
N MET B 19 46.00 -43.40 15.41
CA MET B 19 44.64 -43.00 15.02
C MET B 19 44.69 -42.01 13.84
N TYR B 20 45.91 -41.55 13.53
CA TYR B 20 46.14 -40.61 12.44
C TYR B 20 45.07 -39.54 12.41
N SER B 21 44.93 -38.84 13.52
CA SER B 21 43.90 -37.84 13.65
C SER B 21 44.48 -36.55 14.17
N ASP B 22 43.77 -35.45 13.95
CA ASP B 22 44.19 -34.17 14.45
C ASP B 22 43.38 -33.87 15.71
N LEU B 23 42.65 -34.88 16.18
CA LEU B 23 41.82 -34.79 17.37
C LEU B 23 42.36 -35.79 18.41
N PRO B 24 42.55 -35.37 19.67
CA PRO B 24 43.04 -36.31 20.67
C PRO B 24 42.23 -37.63 20.60
N LYS B 25 42.94 -38.75 20.70
CA LYS B 25 42.31 -40.05 20.65
C LYS B 25 41.09 -40.18 21.55
N VAL B 26 41.24 -39.91 22.86
CA VAL B 26 40.13 -40.08 23.79
C VAL B 26 38.88 -39.31 23.46
N LEU B 27 39.02 -38.34 22.57
CA LEU B 27 37.87 -37.54 22.12
C LEU B 27 37.08 -38.20 20.98
N HIS B 28 37.62 -39.23 20.36
CA HIS B 28 36.90 -39.92 19.31
C HIS B 28 35.67 -40.55 19.93
N THR B 29 34.56 -40.45 19.21
CA THR B 29 33.29 -40.98 19.67
C THR B 29 33.05 -42.45 19.39
N LEU B 30 32.31 -43.07 20.30
CA LEU B 30 31.93 -44.47 20.24
C LEU B 30 30.44 -44.46 20.54
N ALA B 31 29.65 -44.88 19.55
CA ALA B 31 28.19 -44.90 19.62
C ALA B 31 27.73 -43.48 19.87
N GLY B 32 28.48 -42.49 19.39
CA GLY B 32 28.08 -41.10 19.54
C GLY B 32 28.62 -40.34 20.75
N LYS B 33 29.17 -41.07 21.71
CA LYS B 33 29.72 -40.46 22.91
C LYS B 33 31.23 -40.66 22.94
N ALA B 34 31.98 -39.59 23.22
CA ALA B 34 33.44 -39.62 23.34
C ALA B 34 33.92 -40.70 24.31
N MET B 35 34.96 -41.45 23.92
CA MET B 35 35.47 -42.50 24.79
C MET B 35 35.78 -42.00 26.19
N VAL B 36 36.48 -40.88 26.28
CA VAL B 36 36.85 -40.30 27.56
C VAL B 36 35.57 -40.00 28.38
N GLN B 37 34.50 -39.63 27.68
CA GLN B 37 33.22 -39.37 28.33
C GLN B 37 32.61 -40.69 28.87
N HIS B 38 32.80 -41.80 28.16
CA HIS B 38 32.28 -43.08 28.60
C HIS B 38 32.96 -43.44 29.91
N VAL B 39 34.27 -43.29 29.91
CA VAL B 39 35.05 -43.64 31.10
C VAL B 39 34.62 -42.78 32.29
N ILE B 40 34.49 -41.48 32.02
CA ILE B 40 34.14 -40.50 33.02
C ILE B 40 32.76 -40.77 33.61
N ASP B 41 31.84 -41.20 32.75
CA ASP B 41 30.49 -41.51 33.20
C ASP B 41 30.51 -42.70 34.14
N ALA B 42 31.45 -43.62 33.99
CA ALA B 42 31.55 -44.79 34.88
C ALA B 42 32.28 -44.44 36.18
N ALA B 43 33.27 -43.54 36.10
CA ALA B 43 34.06 -43.13 37.25
C ALA B 43 33.21 -42.30 38.23
N ASN B 44 32.25 -41.58 37.68
CA ASN B 44 31.39 -40.73 38.49
C ASN B 44 30.24 -41.49 39.18
N GLU B 45 30.30 -42.81 39.12
CA GLU B 45 29.27 -43.62 39.75
C GLU B 45 29.90 -44.56 40.78
N LEU B 46 31.10 -44.20 41.25
CA LEU B 46 31.83 -45.07 42.16
C LEU B 46 31.99 -44.46 43.53
N GLY B 47 31.44 -43.26 43.71
CA GLY B 47 31.52 -42.56 44.98
C GLY B 47 32.97 -42.37 45.37
N ALA B 48 33.70 -41.55 44.61
CA ALA B 48 35.12 -41.33 44.84
C ALA B 48 35.33 -39.93 45.28
N ALA B 49 36.39 -39.71 46.04
CA ALA B 49 36.73 -38.37 46.51
C ALA B 49 36.88 -37.42 45.31
N HIS B 50 37.90 -37.68 44.50
CA HIS B 50 38.13 -36.81 43.35
C HIS B 50 38.39 -37.63 42.14
N VAL B 51 38.04 -37.10 40.97
CA VAL B 51 38.28 -37.81 39.73
C VAL B 51 39.28 -36.98 38.94
N HIS B 52 40.53 -37.46 38.89
CA HIS B 52 41.60 -36.78 38.17
C HIS B 52 41.62 -37.14 36.68
N LEU B 53 41.92 -36.16 35.85
CA LEU B 53 41.96 -36.39 34.41
C LEU B 53 43.28 -35.84 33.88
N VAL B 54 44.28 -36.71 33.76
CA VAL B 54 45.58 -36.33 33.23
C VAL B 54 45.42 -36.07 31.72
N TYR B 55 45.67 -34.82 31.32
CA TYR B 55 45.55 -34.38 29.93
C TYR B 55 46.84 -33.77 29.39
N GLY B 56 46.97 -33.70 28.09
CA GLY B 56 48.19 -33.16 27.52
C GLY B 56 47.98 -32.79 26.07
N HIS B 57 48.30 -33.73 25.18
CA HIS B 57 48.14 -33.47 23.75
C HIS B 57 46.71 -32.98 23.42
N GLY B 58 46.58 -31.78 22.84
CA GLY B 58 45.25 -31.30 22.47
C GLY B 58 44.40 -30.93 23.68
N GLY B 59 45.09 -30.58 24.74
CA GLY B 59 44.38 -30.24 25.96
C GLY B 59 43.26 -29.24 25.79
N ASP B 60 43.47 -28.26 24.92
CA ASP B 60 42.48 -27.21 24.70
C ASP B 60 41.18 -27.82 24.25
N LEU B 61 41.30 -28.81 23.37
CA LEU B 61 40.10 -29.49 22.87
C LEU B 61 39.38 -30.25 23.99
N LEU B 62 40.16 -30.98 24.79
CA LEU B 62 39.60 -31.78 25.86
C LEU B 62 38.89 -30.89 26.83
N LYS B 63 39.49 -29.74 27.13
CA LYS B 63 38.87 -28.80 28.08
C LYS B 63 37.56 -28.20 27.54
N GLN B 64 37.51 -28.02 26.23
CA GLN B 64 36.31 -27.45 25.64
C GLN B 64 35.30 -28.54 25.27
N ALA B 65 35.58 -29.79 25.58
CA ALA B 65 34.64 -30.84 25.20
C ALA B 65 34.08 -31.52 26.45
N LEU B 66 34.78 -31.38 27.58
CA LEU B 66 34.38 -32.01 28.83
C LEU B 66 34.05 -30.94 29.87
N LYS B 67 32.77 -30.60 29.99
CA LYS B 67 32.34 -29.60 30.96
C LYS B 67 31.95 -30.28 32.29
N ASP B 68 32.90 -31.06 32.85
CA ASP B 68 32.70 -31.74 34.14
C ASP B 68 33.34 -30.92 35.27
N ASP B 69 32.54 -30.71 36.31
CA ASP B 69 32.98 -29.95 37.51
C ASP B 69 33.83 -30.83 38.45
N ASN B 70 33.29 -32.01 38.76
CA ASN B 70 33.99 -32.93 39.64
C ASN B 70 35.29 -33.49 38.99
N LEU B 71 35.78 -32.81 37.96
CA LEU B 71 37.02 -33.26 37.32
C LEU B 71 38.19 -32.38 37.74
N ASN B 72 39.29 -33.02 38.10
CA ASN B 72 40.51 -32.33 38.47
C ASN B 72 41.51 -32.52 37.32
N TRP B 73 41.73 -31.49 36.50
CA TRP B 73 42.66 -31.56 35.36
C TRP B 73 44.12 -31.53 35.77
N VAL B 74 44.87 -32.57 35.44
CA VAL B 74 46.30 -32.67 35.75
C VAL B 74 47.12 -32.74 34.44
N LEU B 75 47.83 -31.66 34.17
CA LEU B 75 48.58 -31.57 32.93
C LEU B 75 49.77 -32.46 32.89
N GLN B 76 49.99 -33.04 31.72
CA GLN B 76 51.16 -33.86 31.46
C GLN B 76 51.80 -33.22 30.19
N ALA B 77 52.53 -32.11 30.40
CA ALA B 77 53.19 -31.40 29.31
C ALA B 77 53.93 -32.30 28.32
N GLU B 78 54.56 -33.36 28.83
CA GLU B 78 55.27 -34.32 27.99
C GLU B 78 54.84 -35.77 28.18
N GLN B 79 54.30 -36.35 27.13
CA GLN B 79 53.82 -37.72 27.18
C GLN B 79 54.97 -38.71 27.09
N LEU B 80 55.60 -38.99 28.23
CA LEU B 80 56.73 -39.90 28.29
C LEU B 80 56.33 -41.31 28.72
N GLY B 81 55.05 -41.63 28.58
CA GLY B 81 54.58 -42.95 29.01
C GLY B 81 53.47 -42.89 30.05
N THR B 82 52.79 -44.01 30.22
CA THR B 82 51.67 -44.12 31.19
C THR B 82 52.12 -43.92 32.63
N GLY B 83 53.32 -44.43 32.93
CA GLY B 83 53.89 -44.31 34.26
C GLY B 83 54.18 -42.86 34.61
N HIS B 84 54.83 -42.14 33.70
CA HIS B 84 55.16 -40.72 33.85
C HIS B 84 53.88 -39.89 33.94
N ALA B 85 52.85 -40.27 33.17
CA ALA B 85 51.57 -39.57 33.22
C ALA B 85 50.99 -39.65 34.64
N MET B 86 51.06 -40.85 35.23
CA MET B 86 50.55 -41.08 36.58
C MET B 86 51.35 -40.31 37.63
N GLN B 87 52.65 -40.15 37.37
CA GLN B 87 53.53 -39.42 38.30
C GLN B 87 53.10 -37.99 38.41
N GLN B 88 52.39 -37.50 37.40
CA GLN B 88 51.92 -36.11 37.42
C GLN B 88 50.76 -35.91 38.37
N ALA B 89 49.95 -36.96 38.55
CA ALA B 89 48.78 -36.94 39.42
C ALA B 89 49.14 -37.36 40.86
N ALA B 90 50.27 -38.06 40.98
CA ALA B 90 50.75 -38.55 42.27
C ALA B 90 50.57 -37.55 43.43
N PRO B 91 50.92 -36.25 43.24
CA PRO B 91 50.76 -35.24 44.28
C PRO B 91 49.37 -35.20 44.95
N PHE B 92 48.32 -35.56 44.22
CA PHE B 92 46.96 -35.55 44.79
C PHE B 92 46.53 -36.91 45.33
N PHE B 93 47.48 -37.84 45.44
CA PHE B 93 47.23 -39.19 45.94
C PHE B 93 47.35 -39.24 47.45
N ALA B 94 46.21 -39.43 48.09
CA ALA B 94 46.18 -39.54 49.54
C ALA B 94 46.87 -40.84 49.90
N ASP B 95 47.48 -40.90 51.10
CA ASP B 95 48.13 -42.15 51.58
C ASP B 95 47.13 -43.16 52.13
N ASP B 96 45.95 -42.66 52.48
CA ASP B 96 44.90 -43.47 53.07
C ASP B 96 43.76 -43.83 52.14
N GLU B 97 43.88 -43.45 50.87
CA GLU B 97 42.82 -43.79 49.91
C GLU B 97 43.33 -44.68 48.77
N ASP B 98 42.43 -45.51 48.24
CA ASP B 98 42.79 -46.35 47.12
C ASP B 98 42.78 -45.49 45.86
N ILE B 99 43.69 -45.79 44.95
CA ILE B 99 43.81 -45.09 43.68
C ILE B 99 43.41 -46.02 42.51
N LEU B 100 42.30 -45.67 41.87
CA LEU B 100 41.82 -46.42 40.71
C LEU B 100 42.30 -45.75 39.41
N MET B 101 43.05 -46.50 38.60
CA MET B 101 43.54 -45.98 37.32
C MET B 101 42.72 -46.51 36.15
N LEU B 102 42.15 -45.58 35.36
CA LEU B 102 41.37 -45.87 34.14
C LEU B 102 42.01 -45.22 32.90
N TYR B 103 41.88 -45.89 31.76
CA TYR B 103 42.43 -45.38 30.52
C TYR B 103 41.31 -44.72 29.73
N GLY B 104 41.61 -43.61 29.07
CA GLY B 104 40.60 -42.94 28.28
C GLY B 104 40.32 -43.60 26.95
N ASP B 105 41.05 -44.65 26.58
CA ASP B 105 40.78 -45.34 25.32
C ASP B 105 40.19 -46.75 25.58
N VAL B 106 39.76 -46.99 26.82
CA VAL B 106 39.12 -48.24 27.20
C VAL B 106 37.75 -47.82 27.72
N PRO B 107 36.86 -47.36 26.82
CA PRO B 107 35.52 -46.87 27.10
C PRO B 107 34.46 -47.71 27.78
N LEU B 108 34.14 -48.83 27.18
CA LEU B 108 33.08 -49.71 27.64
C LEU B 108 33.22 -50.36 28.99
N ILE B 109 34.23 -49.97 29.77
CA ILE B 109 34.41 -50.54 31.10
C ILE B 109 33.13 -50.31 31.94
N SER B 110 32.58 -51.35 32.55
CA SER B 110 31.35 -51.15 33.33
C SER B 110 31.54 -50.86 34.81
N VAL B 111 30.56 -50.19 35.40
CA VAL B 111 30.59 -49.92 36.83
C VAL B 111 30.72 -51.22 37.68
N GLU B 112 29.90 -52.22 37.36
CA GLU B 112 29.94 -53.48 38.09
C GLU B 112 31.37 -53.96 38.24
N THR B 113 32.00 -54.33 37.12
CA THR B 113 33.39 -54.81 37.09
C THR B 113 34.35 -53.97 37.93
N LEU B 114 34.21 -52.64 37.92
CA LEU B 114 35.08 -51.79 38.73
C LEU B 114 34.85 -52.02 40.23
N GLN B 115 33.61 -51.96 40.67
CA GLN B 115 33.33 -52.21 42.09
C GLN B 115 33.92 -53.59 42.48
N ARG B 116 33.83 -54.57 41.57
CA ARG B 116 34.36 -55.90 41.87
C ARG B 116 35.86 -55.84 42.02
N LEU B 117 36.47 -55.00 41.21
CA LEU B 117 37.91 -54.87 41.23
C LEU B 117 38.32 -54.22 42.52
N ARG B 118 37.56 -53.22 42.90
CA ARG B 118 37.86 -52.48 44.12
C ARG B 118 37.83 -53.40 45.34
N ASP B 119 36.95 -54.37 45.34
CA ASP B 119 36.86 -55.28 46.47
C ASP B 119 37.92 -56.39 46.43
N ALA B 120 38.48 -56.67 45.26
CA ALA B 120 39.48 -57.72 45.14
C ALA B 120 40.88 -57.23 45.46
N LYS B 121 41.01 -55.92 45.63
CA LYS B 121 42.32 -55.36 45.94
C LYS B 121 42.88 -55.86 47.31
N PRO B 122 43.92 -56.69 47.27
CA PRO B 122 44.48 -57.17 48.52
C PRO B 122 45.09 -56.03 49.34
N GLN B 123 45.19 -56.24 50.66
CA GLN B 123 45.76 -55.22 51.55
C GLN B 123 47.22 -54.99 51.16
N GLY B 124 47.60 -53.72 51.01
CA GLY B 124 48.96 -53.40 50.60
C GLY B 124 49.36 -54.04 49.26
N GLY B 125 48.39 -54.46 48.45
CA GLY B 125 48.66 -55.08 47.17
C GLY B 125 48.01 -54.34 46.02
N ILE B 126 47.86 -55.01 44.88
CA ILE B 126 47.30 -54.40 43.70
C ILE B 126 46.15 -55.23 43.13
N GLY B 127 45.13 -54.54 42.61
CA GLY B 127 44.00 -55.21 41.99
C GLY B 127 44.15 -54.98 40.50
N LEU B 128 44.61 -55.99 39.75
CA LEU B 128 44.82 -55.83 38.30
C LEU B 128 43.73 -56.49 37.50
N LEU B 129 43.08 -55.75 36.62
CA LEU B 129 42.03 -56.33 35.78
C LEU B 129 42.66 -56.95 34.52
N THR B 130 42.49 -58.25 34.33
CA THR B 130 43.05 -58.92 33.16
C THR B 130 42.01 -59.77 32.45
N VAL B 131 42.27 -60.14 31.21
CA VAL B 131 41.33 -60.96 30.44
C VAL B 131 42.09 -61.65 29.30
N LYS B 132 41.55 -62.77 28.80
CA LYS B 132 42.15 -63.54 27.70
C LYS B 132 41.51 -63.14 26.36
N LEU B 133 42.35 -62.97 25.33
CA LEU B 133 41.93 -62.57 23.99
C LEU B 133 42.54 -63.51 22.98
N ASP B 134 41.77 -63.81 21.93
CA ASP B 134 42.26 -64.69 20.89
C ASP B 134 43.47 -64.04 20.22
N ASP B 135 43.39 -62.71 20.08
CA ASP B 135 44.47 -61.99 19.46
C ASP B 135 44.95 -60.89 20.39
N PRO B 136 45.95 -61.21 21.24
CA PRO B 136 46.55 -60.29 22.23
C PRO B 136 47.58 -59.30 21.65
N THR B 137 47.73 -59.28 20.33
CA THR B 137 48.72 -58.40 19.70
C THR B 137 48.54 -56.94 20.11
N GLY B 138 49.65 -56.29 20.48
CA GLY B 138 49.59 -54.89 20.88
C GLY B 138 49.33 -54.72 22.37
N TYR B 139 48.78 -55.72 23.04
CA TYR B 139 48.49 -55.59 24.44
C TYR B 139 49.64 -56.08 25.31
N GLY B 140 49.75 -55.52 26.53
CA GLY B 140 50.77 -55.98 27.43
C GLY B 140 50.38 -57.35 27.97
N ARG B 141 51.34 -58.26 28.01
CA ARG B 141 51.10 -59.61 28.48
C ARG B 141 51.22 -59.74 30.00
N ILE B 142 50.45 -60.67 30.58
CA ILE B 142 50.47 -60.95 32.00
C ILE B 142 51.36 -62.18 32.21
N THR B 143 52.35 -62.01 33.07
CA THR B 143 53.30 -63.06 33.36
C THR B 143 52.95 -63.74 34.67
N ARG B 144 53.25 -65.02 34.76
CA ARG B 144 52.94 -65.79 35.97
C ARG B 144 53.98 -66.83 36.32
N GLU B 145 54.08 -67.09 37.62
CA GLU B 145 54.99 -68.11 38.14
C GLU B 145 54.26 -68.82 39.26
N ASN B 146 53.87 -70.07 39.01
CA ASN B 146 53.16 -70.85 40.02
C ASN B 146 51.76 -70.25 40.26
N GLY B 147 51.05 -70.04 39.15
CA GLY B 147 49.71 -69.49 39.26
C GLY B 147 49.62 -68.09 39.85
N LYS B 148 50.75 -67.43 40.08
CA LYS B 148 50.73 -66.07 40.63
C LYS B 148 51.26 -65.04 39.68
N VAL B 149 50.52 -63.94 39.53
CA VAL B 149 50.88 -62.88 38.62
C VAL B 149 52.18 -62.30 39.10
N THR B 150 53.14 -62.14 38.19
CA THR B 150 54.45 -61.61 38.54
C THR B 150 54.75 -60.25 37.90
N GLY B 151 54.04 -59.93 36.81
CA GLY B 151 54.27 -58.66 36.13
C GLY B 151 53.56 -58.51 34.81
N ILE B 152 53.89 -57.46 34.06
CA ILE B 152 53.30 -57.19 32.75
C ILE B 152 54.42 -56.88 31.76
N VAL B 153 54.41 -57.60 30.64
CA VAL B 153 55.41 -57.38 29.60
C VAL B 153 54.77 -56.78 28.36
N GLU B 154 55.17 -55.56 28.01
CA GLU B 154 54.63 -54.90 26.83
C GLU B 154 54.92 -55.70 25.56
N HIS B 155 54.09 -55.51 24.53
CA HIS B 155 54.23 -56.22 23.25
C HIS B 155 55.60 -55.96 22.63
N LYS B 156 56.02 -54.69 22.61
CA LYS B 156 57.32 -54.32 22.02
C LYS B 156 58.47 -55.00 22.78
N ASP B 157 58.30 -55.20 24.06
CA ASP B 157 59.33 -55.82 24.87
C ASP B 157 59.20 -57.36 25.02
N ALA B 158 58.07 -57.90 24.59
CA ALA B 158 57.80 -59.33 24.71
C ALA B 158 58.56 -60.17 23.68
N THR B 159 59.11 -61.29 24.14
CA THR B 159 59.83 -62.24 23.28
C THR B 159 58.82 -63.12 22.54
N ASP B 160 59.29 -63.87 21.54
CA ASP B 160 58.43 -64.80 20.78
C ASP B 160 57.47 -65.61 21.70
N GLU B 161 57.99 -66.16 22.80
CA GLU B 161 57.12 -66.95 23.67
C GLU B 161 56.16 -66.11 24.45
N GLN B 162 56.66 -65.05 25.07
CA GLN B 162 55.81 -64.15 25.87
C GLN B 162 54.65 -63.61 25.02
N ARG B 163 54.87 -63.49 23.72
CA ARG B 163 53.85 -63.00 22.79
C ARG B 163 52.75 -64.04 22.53
N GLN B 164 53.04 -65.25 22.97
CA GLN B 164 52.08 -66.32 22.82
C GLN B 164 51.20 -66.46 24.04
N ILE B 165 51.32 -65.50 24.96
CA ILE B 165 50.51 -65.45 26.17
C ILE B 165 49.25 -64.68 25.79
N GLN B 166 48.10 -65.33 25.91
CA GLN B 166 46.85 -64.66 25.56
C GLN B 166 46.20 -63.87 26.66
N GLU B 167 46.70 -63.96 27.90
CA GLU B 167 46.16 -63.18 29.01
C GLU B 167 46.83 -61.81 28.99
N ILE B 168 46.06 -60.79 28.65
CA ILE B 168 46.58 -59.45 28.58
C ILE B 168 46.16 -58.49 29.69
N ASN B 169 46.84 -57.35 29.74
CA ASN B 169 46.54 -56.33 30.71
C ASN B 169 45.48 -55.37 30.10
N THR B 170 44.36 -55.16 30.81
CA THR B 170 43.33 -54.26 30.31
C THR B 170 43.76 -52.82 30.57
N GLY B 171 44.82 -52.62 31.36
CA GLY B 171 45.28 -51.27 31.66
C GLY B 171 44.62 -50.68 32.91
N ILE B 172 43.61 -51.38 33.43
CA ILE B 172 42.89 -50.90 34.60
C ILE B 172 43.35 -51.62 35.85
N LEU B 173 43.68 -50.86 36.90
CA LEU B 173 44.17 -51.42 38.15
C LEU B 173 43.94 -50.47 39.32
N ILE B 174 43.96 -51.02 40.52
CA ILE B 174 43.74 -50.22 41.71
C ILE B 174 44.74 -50.59 42.78
N ALA B 175 45.08 -49.60 43.62
CA ALA B 175 46.03 -49.84 44.71
C ALA B 175 45.99 -48.69 45.71
N ASN B 176 46.63 -48.89 46.85
CA ASN B 176 46.70 -47.85 47.87
C ASN B 176 47.58 -46.65 47.42
N GLY B 177 47.17 -45.44 47.80
CA GLY B 177 47.92 -44.25 47.40
C GLY B 177 49.40 -44.28 47.82
N ALA B 178 49.64 -44.60 49.09
CA ALA B 178 51.01 -44.65 49.59
C ALA B 178 51.85 -45.58 48.73
N ASP B 179 51.41 -46.82 48.58
CA ASP B 179 52.13 -47.80 47.76
C ASP B 179 52.33 -47.27 46.34
N MET B 180 51.26 -46.74 45.75
CA MET B 180 51.33 -46.21 44.39
C MET B 180 52.44 -45.17 44.24
N LYS B 181 52.48 -44.22 45.17
CA LYS B 181 53.51 -43.17 45.16
C LYS B 181 54.87 -43.80 45.28
N ARG B 182 55.00 -44.83 46.10
CA ARG B 182 56.30 -45.50 46.25
C ARG B 182 56.86 -46.16 44.97
N TRP B 183 56.01 -46.97 44.34
CA TRP B 183 56.37 -47.69 43.14
C TRP B 183 56.65 -46.78 41.99
N LEU B 184 56.00 -45.62 41.97
CA LEU B 184 56.19 -44.69 40.88
C LEU B 184 57.57 -44.05 40.92
N ALA B 185 58.09 -43.84 42.13
CA ALA B 185 59.40 -43.21 42.28
C ALA B 185 60.51 -44.14 41.85
N LYS B 186 60.15 -45.42 41.63
CA LYS B 186 61.16 -46.41 41.24
C LYS B 186 61.10 -46.73 39.80
N LEU B 187 60.33 -45.95 39.02
CA LEU B 187 60.19 -46.19 37.58
C LEU B 187 61.34 -45.66 36.73
N THR B 188 61.70 -46.42 35.70
CA THR B 188 62.78 -46.03 34.78
C THR B 188 62.23 -46.21 33.36
N ASN B 189 63.09 -46.13 32.33
CA ASN B 189 62.61 -46.26 30.96
C ASN B 189 63.55 -47.17 30.13
N ASN B 190 64.12 -48.18 30.79
CA ASN B 190 65.02 -49.09 30.08
C ASN B 190 64.18 -50.16 29.42
N ASN B 191 63.46 -49.76 28.38
CA ASN B 191 62.58 -50.65 27.60
C ASN B 191 62.60 -50.27 26.12
N ALA B 192 61.89 -51.07 25.32
CA ALA B 192 61.84 -50.90 23.87
C ALA B 192 61.40 -49.53 23.38
N GLN B 193 60.73 -48.77 24.23
CA GLN B 193 60.27 -47.46 23.81
C GLN B 193 60.91 -46.28 24.53
N GLY B 194 61.69 -46.58 25.56
CA GLY B 194 62.32 -45.53 26.36
C GLY B 194 61.29 -44.73 27.17
N GLU B 195 60.08 -45.27 27.37
CA GLU B 195 59.03 -44.59 28.14
C GLU B 195 58.97 -45.18 29.55
N TYR B 196 58.20 -44.53 30.41
CA TYR B 196 57.99 -45.00 31.77
C TYR B 196 56.67 -45.77 31.81
N TYR B 197 56.78 -47.09 31.74
CA TYR B 197 55.64 -47.98 31.80
C TYR B 197 55.01 -48.02 33.20
N ILE B 198 53.75 -47.64 33.29
CA ILE B 198 53.05 -47.73 34.58
C ILE B 198 52.91 -49.20 34.96
N THR B 199 52.85 -50.07 33.95
CA THR B 199 52.71 -51.52 34.11
C THR B 199 53.90 -52.14 34.87
N ASP B 200 54.97 -51.36 35.06
CA ASP B 200 56.14 -51.85 35.78
C ASP B 200 55.91 -51.95 37.30
N ILE B 201 54.89 -51.28 37.80
CA ILE B 201 54.62 -51.35 39.23
C ILE B 201 54.22 -52.76 39.67
N ILE B 202 53.66 -53.54 38.73
CA ILE B 202 53.25 -54.90 39.04
C ILE B 202 54.46 -55.70 39.47
N ALA B 203 55.48 -55.78 38.61
CA ALA B 203 56.72 -56.50 38.94
C ALA B 203 57.33 -55.90 40.23
N LEU B 204 57.19 -54.59 40.40
CA LEU B 204 57.71 -53.94 41.60
C LEU B 204 56.99 -54.46 42.86
N ALA B 205 55.66 -54.36 42.84
CA ALA B 205 54.87 -54.86 43.96
C ALA B 205 55.24 -56.31 44.24
N TYR B 206 55.40 -57.10 43.18
CA TYR B 206 55.72 -58.49 43.38
C TYR B 206 57.02 -58.68 44.16
N GLN B 207 58.09 -58.01 43.74
CA GLN B 207 59.41 -58.09 44.37
C GLN B 207 59.27 -57.66 45.80
N GLU B 208 58.40 -56.71 46.06
CA GLU B 208 58.21 -56.24 47.44
C GLU B 208 57.47 -57.30 48.30
N GLY B 209 57.16 -58.45 47.68
CA GLY B 209 56.43 -59.48 48.40
C GLY B 209 54.92 -59.22 48.45
N ARG B 210 54.49 -58.06 47.93
CA ARG B 210 53.08 -57.72 47.91
C ARG B 210 52.33 -58.64 46.94
N GLU B 211 51.01 -58.72 47.10
CA GLU B 211 50.22 -59.58 46.22
C GLU B 211 49.43 -58.87 45.13
N ILE B 212 49.35 -59.50 43.97
CA ILE B 212 48.62 -58.90 42.86
C ILE B 212 47.46 -59.84 42.58
N VAL B 213 46.24 -59.35 42.74
CA VAL B 213 45.08 -60.21 42.50
C VAL B 213 44.47 -59.96 41.13
N ALA B 214 44.44 -61.00 40.30
CA ALA B 214 43.85 -60.88 38.95
C ALA B 214 42.34 -60.90 39.01
N VAL B 215 41.68 -59.98 38.30
CA VAL B 215 40.20 -59.91 38.20
C VAL B 215 39.75 -59.82 36.73
N HIS B 216 38.69 -60.54 36.40
CA HIS B 216 38.19 -60.61 35.04
C HIS B 216 36.88 -59.89 34.93
N PRO B 217 36.58 -59.34 33.76
CA PRO B 217 35.32 -58.61 33.57
C PRO B 217 34.14 -59.54 33.24
N GLN B 218 32.94 -58.97 33.08
CA GLN B 218 31.75 -59.76 32.72
C GLN B 218 31.82 -60.04 31.21
N ARG B 219 31.99 -59.00 30.41
CA ARG B 219 32.05 -59.14 28.94
C ARG B 219 33.46 -58.78 28.50
N LEU B 220 33.92 -59.39 27.42
CA LEU B 220 35.23 -59.10 26.89
C LEU B 220 35.29 -57.67 26.32
N SER B 221 34.18 -57.23 25.75
CA SER B 221 34.12 -55.91 25.16
C SER B 221 34.36 -54.75 26.12
N GLU B 222 34.07 -54.94 27.40
CA GLU B 222 34.21 -53.82 28.32
C GLU B 222 35.62 -53.46 28.68
N VAL B 223 36.56 -54.31 28.30
CA VAL B 223 37.96 -54.06 28.55
C VAL B 223 38.80 -53.95 27.27
N GLU B 224 38.14 -53.89 26.10
CA GLU B 224 38.87 -53.78 24.83
C GLU B 224 39.43 -52.35 24.67
N GLY B 225 40.66 -52.24 24.20
CA GLY B 225 41.24 -50.91 24.07
C GLY B 225 41.23 -50.45 22.64
N VAL B 226 41.27 -49.14 22.45
CA VAL B 226 41.24 -48.55 21.12
C VAL B 226 42.52 -47.78 20.84
N ASN B 227 43.30 -48.25 19.88
CA ASN B 227 44.54 -47.59 19.53
C ASN B 227 44.52 -47.10 18.09
N ASN B 228 43.53 -47.56 17.31
CA ASN B 228 43.39 -47.15 15.90
C ASN B 228 41.93 -47.24 15.44
N ARG B 229 41.63 -46.68 14.28
CA ARG B 229 40.26 -46.66 13.76
C ARG B 229 39.67 -48.06 13.63
N LEU B 230 40.49 -49.00 13.20
CA LEU B 230 40.02 -50.36 13.04
C LEU B 230 39.51 -50.94 14.35
N GLN B 231 40.26 -50.76 15.44
CA GLN B 231 39.85 -51.30 16.73
C GLN B 231 38.60 -50.60 17.21
N LEU B 232 38.54 -49.30 16.98
CA LEU B 232 37.40 -48.50 17.38
C LEU B 232 36.14 -48.99 16.67
N SER B 233 36.24 -49.20 15.38
CA SER B 233 35.13 -49.67 14.58
C SER B 233 34.59 -51.04 15.04
N ARG B 234 35.51 -51.95 15.33
CA ARG B 234 35.12 -53.26 15.78
C ARG B 234 34.42 -53.17 17.12
N LEU B 235 34.90 -52.26 17.97
CA LEU B 235 34.32 -52.11 19.29
C LEU B 235 32.93 -51.50 19.12
N GLU B 236 32.79 -50.59 18.19
CA GLU B 236 31.50 -50.01 17.89
C GLU B 236 30.54 -51.16 17.49
N ARG B 237 30.96 -52.00 16.56
CA ARG B 237 30.15 -53.12 16.14
C ARG B 237 29.73 -54.01 17.31
N VAL B 238 30.65 -54.31 18.21
CA VAL B 238 30.32 -55.14 19.34
C VAL B 238 29.28 -54.43 20.22
N TYR B 239 29.51 -53.16 20.46
CA TYR B 239 28.65 -52.40 21.33
C TYR B 239 27.26 -52.33 20.75
N GLN B 240 27.17 -52.07 19.45
CA GLN B 240 25.87 -52.00 18.78
C GLN B 240 25.15 -53.36 18.85
N SER B 241 25.92 -54.44 18.70
CA SER B 241 25.41 -55.80 18.77
C SER B 241 24.83 -56.11 20.13
N GLU B 242 25.49 -55.63 21.17
CA GLU B 242 25.03 -55.83 22.53
C GLU B 242 23.75 -55.04 22.84
N GLN B 243 23.62 -53.86 22.24
CA GLN B 243 22.46 -53.00 22.41
C GLN B 243 21.22 -53.53 21.65
N ALA B 244 21.47 -54.07 20.45
CA ALA B 244 20.44 -54.65 19.59
C ALA B 244 19.84 -55.90 20.25
N GLU B 245 20.69 -56.65 20.95
CA GLU B 245 20.24 -57.83 21.66
C GLU B 245 19.32 -57.48 22.84
N LYS B 246 19.76 -56.52 23.65
CA LYS B 246 18.98 -56.10 24.79
C LYS B 246 17.65 -55.58 24.33
N LEU B 247 17.62 -54.88 23.20
CA LEU B 247 16.36 -54.33 22.68
C LEU B 247 15.42 -55.44 22.20
N LEU B 248 15.99 -56.39 21.48
CA LEU B 248 15.25 -57.53 20.97
C LEU B 248 14.64 -58.31 22.13
N LEU B 249 15.47 -58.66 23.11
CA LEU B 249 15.01 -59.42 24.26
C LEU B 249 13.94 -58.66 25.03
N ALA B 250 13.91 -57.33 24.89
CA ALA B 250 12.93 -56.48 25.56
C ALA B 250 11.60 -56.39 24.77
N GLY B 251 11.60 -56.89 23.54
CA GLY B 251 10.38 -56.90 22.78
C GLY B 251 10.41 -56.00 21.58
N VAL B 252 11.55 -55.40 21.34
CA VAL B 252 11.69 -54.55 20.16
C VAL B 252 12.02 -55.44 18.96
N MET B 253 11.27 -55.29 17.89
CA MET B 253 11.51 -56.11 16.72
C MET B 253 12.44 -55.44 15.70
N LEU B 254 13.70 -55.85 15.65
CA LEU B 254 14.65 -55.35 14.66
C LEU B 254 14.77 -56.41 13.53
N ARG B 255 14.43 -56.03 12.29
CA ARG B 255 14.52 -56.94 11.15
C ARG B 255 15.92 -57.50 10.97
N ASP B 256 16.92 -56.70 11.36
CA ASP B 256 18.31 -57.12 11.27
C ASP B 256 19.17 -56.39 12.29
N PRO B 257 19.59 -57.10 13.37
CA PRO B 257 20.43 -56.56 14.45
C PRO B 257 21.79 -56.03 13.96
N ALA B 258 22.33 -56.70 12.96
CA ALA B 258 23.60 -56.31 12.36
C ALA B 258 23.52 -55.01 11.55
N ARG B 259 22.28 -54.57 11.25
CA ARG B 259 22.04 -53.33 10.49
C ARG B 259 21.17 -52.35 11.28
N PHE B 260 21.57 -52.08 12.52
CA PHE B 260 20.84 -51.17 13.39
C PHE B 260 21.86 -50.35 14.20
N ASP B 261 21.60 -49.08 14.40
CA ASP B 261 22.54 -48.26 15.18
C ASP B 261 21.84 -47.37 16.19
N LEU B 262 22.24 -47.49 17.44
CA LEU B 262 21.70 -46.68 18.54
C LEU B 262 22.84 -45.83 19.12
N ARG B 263 22.82 -44.55 18.83
CA ARG B 263 23.84 -43.66 19.31
C ARG B 263 23.16 -42.67 20.23
N GLY B 264 22.76 -43.20 21.39
CA GLY B 264 22.07 -42.39 22.37
C GLY B 264 21.13 -43.21 23.24
N THR B 265 19.91 -42.74 23.42
CA THR B 265 18.95 -43.43 24.28
C THR B 265 17.65 -43.69 23.57
N LEU B 266 17.09 -44.88 23.75
CA LEU B 266 15.84 -45.17 23.08
C LEU B 266 14.80 -45.67 24.03
N THR B 267 13.68 -44.97 24.11
CA THR B 267 12.56 -45.37 24.96
C THR B 267 11.52 -45.93 24.01
N HIS B 268 11.00 -47.12 24.31
CA HIS B 268 10.02 -47.73 23.42
C HIS B 268 8.80 -48.30 24.12
N GLY B 269 7.75 -48.58 23.35
CA GLY B 269 6.53 -49.16 23.88
C GLY B 269 6.48 -50.60 23.38
N ARG B 270 5.30 -51.18 23.37
CA ARG B 270 5.13 -52.54 22.91
C ARG B 270 4.97 -52.69 21.39
N ASP B 271 5.51 -53.79 20.86
CA ASP B 271 5.41 -54.09 19.45
C ASP B 271 5.95 -53.02 18.50
N VAL B 272 7.16 -52.57 18.77
CA VAL B 272 7.78 -51.58 17.90
C VAL B 272 8.53 -52.35 16.80
N GLU B 273 8.29 -51.98 15.55
CA GLU B 273 9.00 -52.62 14.44
C GLU B 273 9.99 -51.67 13.77
N ILE B 274 11.26 -52.06 13.73
CA ILE B 274 12.32 -51.26 13.11
C ILE B 274 13.00 -52.08 12.00
N ASP B 275 12.87 -51.64 10.75
CA ASP B 275 13.47 -52.37 9.66
C ASP B 275 14.98 -52.18 9.59
N THR B 276 15.58 -52.68 8.52
CA THR B 276 17.02 -52.57 8.34
C THR B 276 17.61 -51.16 8.17
N ASN B 277 18.89 -51.00 8.52
CA ASN B 277 19.58 -49.72 8.37
C ASN B 277 18.92 -48.49 8.98
N VAL B 278 18.41 -48.64 10.19
CA VAL B 278 17.79 -47.50 10.82
C VAL B 278 18.80 -46.94 11.81
N ILE B 279 18.90 -45.63 11.91
CA ILE B 279 19.82 -45.03 12.87
C ILE B 279 19.09 -44.16 13.90
N ILE B 280 19.33 -44.38 15.18
CA ILE B 280 18.71 -43.59 16.23
C ILE B 280 19.81 -42.81 16.95
N GLU B 281 19.71 -41.48 16.91
CA GLU B 281 20.70 -40.63 17.57
C GLU B 281 20.08 -39.77 18.64
N GLY B 282 20.85 -39.49 19.68
CA GLY B 282 20.33 -38.64 20.73
C GLY B 282 19.25 -39.34 21.51
N ASN B 283 18.33 -38.59 22.14
CA ASN B 283 17.24 -39.24 22.87
C ASN B 283 15.99 -39.39 21.97
N VAL B 284 15.57 -40.63 21.75
CA VAL B 284 14.38 -40.88 20.95
C VAL B 284 13.34 -41.71 21.70
N THR B 285 12.08 -41.28 21.65
CA THR B 285 11.00 -42.02 22.30
C THR B 285 10.02 -42.59 21.28
N LEU B 286 9.66 -43.88 21.40
CA LEU B 286 8.73 -44.49 20.45
C LEU B 286 7.57 -45.11 21.18
N GLY B 287 6.37 -44.73 20.78
CA GLY B 287 5.18 -45.22 21.42
C GLY B 287 4.88 -46.65 21.06
N HIS B 288 3.73 -47.15 21.48
CA HIS B 288 3.35 -48.53 21.16
C HIS B 288 3.05 -48.71 19.67
N ARG B 289 3.46 -49.86 19.16
CA ARG B 289 3.19 -50.25 17.78
C ARG B 289 3.74 -49.29 16.74
N VAL B 290 4.86 -48.66 17.03
CA VAL B 290 5.44 -47.76 16.06
C VAL B 290 6.21 -48.56 15.01
N LYS B 291 5.95 -48.28 13.73
CA LYS B 291 6.66 -48.96 12.63
C LYS B 291 7.65 -48.03 11.91
N ILE B 292 8.92 -48.40 11.89
CA ILE B 292 9.94 -47.59 11.24
C ILE B 292 10.53 -48.33 10.03
N GLY B 293 10.39 -47.72 8.86
CA GLY B 293 10.85 -48.29 7.61
C GLY B 293 12.34 -48.30 7.53
N THR B 294 12.85 -49.00 6.53
CA THR B 294 14.28 -49.11 6.33
C THR B 294 14.95 -47.76 5.98
N GLY B 295 16.18 -47.62 6.46
CA GLY B 295 16.95 -46.42 6.19
C GLY B 295 16.58 -45.16 6.93
N CYS B 296 15.69 -45.23 7.91
CA CYS B 296 15.30 -44.03 8.62
C CYS B 296 16.31 -43.52 9.60
N VAL B 297 16.39 -42.20 9.76
CA VAL B 297 17.33 -41.62 10.72
C VAL B 297 16.53 -40.72 11.65
N ILE B 298 16.51 -41.07 12.93
CA ILE B 298 15.72 -40.32 13.90
C ILE B 298 16.60 -39.80 15.02
N LYS B 299 16.63 -38.48 15.18
CA LYS B 299 17.44 -37.83 16.19
C LYS B 299 16.58 -36.97 17.09
N ASN B 300 16.83 -37.06 18.38
CA ASN B 300 16.10 -36.29 19.37
C ASN B 300 14.68 -36.01 18.98
N SER B 301 13.89 -37.07 18.92
CA SER B 301 12.49 -36.89 18.53
C SER B 301 11.57 -37.75 19.37
N VAL B 302 10.29 -37.42 19.37
CA VAL B 302 9.29 -38.18 20.10
C VAL B 302 8.21 -38.67 19.11
N ILE B 303 7.97 -39.98 19.04
CA ILE B 303 6.97 -40.56 18.11
C ILE B 303 5.87 -41.27 18.89
N GLY B 304 4.62 -40.85 18.69
CA GLY B 304 3.49 -41.42 19.40
C GLY B 304 3.10 -42.81 18.95
N ASP B 305 2.08 -43.34 19.61
CA ASP B 305 1.62 -44.66 19.31
C ASP B 305 1.15 -44.83 17.87
N ASP B 306 1.25 -46.05 17.34
CA ASP B 306 0.79 -46.39 15.99
C ASP B 306 1.32 -45.53 14.86
N CYS B 307 2.44 -44.84 15.07
CA CYS B 307 3.00 -44.02 14.01
C CYS B 307 3.75 -44.89 13.01
N GLU B 308 3.71 -44.49 11.73
CA GLU B 308 4.40 -45.25 10.70
C GLU B 308 5.33 -44.35 9.96
N ILE B 309 6.61 -44.61 10.10
CA ILE B 309 7.64 -43.84 9.41
C ILE B 309 8.10 -44.65 8.18
N SER B 310 7.66 -44.24 7.00
CA SER B 310 8.02 -44.94 5.78
C SER B 310 9.50 -44.88 5.49
N PRO B 311 10.00 -45.78 4.63
CA PRO B 311 11.41 -45.87 4.26
C PRO B 311 12.11 -44.55 3.95
N TYR B 312 13.39 -44.51 4.26
CA TYR B 312 14.25 -43.36 4.00
C TYR B 312 13.69 -42.01 4.37
N THR B 313 13.43 -41.82 5.67
CA THR B 313 12.88 -40.57 6.20
C THR B 313 13.86 -40.05 7.26
N VAL B 314 14.11 -38.75 7.26
CA VAL B 314 15.03 -38.14 8.22
C VAL B 314 14.22 -37.32 9.16
N VAL B 315 14.43 -37.53 10.46
CA VAL B 315 13.70 -36.83 11.52
C VAL B 315 14.57 -36.31 12.64
N GLU B 316 14.59 -35.00 12.83
CA GLU B 316 15.40 -34.42 13.88
C GLU B 316 14.59 -33.42 14.71
N ASP B 317 14.62 -33.56 16.04
CA ASP B 317 13.89 -32.68 16.95
C ASP B 317 12.48 -32.46 16.51
N ALA B 318 11.83 -33.54 16.11
CA ALA B 318 10.46 -33.50 15.66
C ALA B 318 9.55 -34.04 16.77
N ASN B 319 8.26 -33.82 16.61
CA ASN B 319 7.27 -34.33 17.58
C ASN B 319 6.06 -34.87 16.83
N LEU B 320 5.83 -36.18 16.89
CA LEU B 320 4.68 -36.75 16.20
C LEU B 320 3.68 -37.31 17.17
N ALA B 321 2.42 -36.93 17.00
CA ALA B 321 1.37 -37.44 17.89
C ALA B 321 1.05 -38.85 17.41
N ALA B 322 0.09 -39.50 18.03
CA ALA B 322 -0.31 -40.85 17.65
C ALA B 322 -0.94 -40.93 16.26
N ALA B 323 -0.76 -42.06 15.59
CA ALA B 323 -1.36 -42.34 14.29
C ALA B 323 -0.87 -41.50 13.14
N CYS B 324 0.34 -40.99 13.26
CA CYS B 324 0.87 -40.21 12.18
C CYS B 324 1.55 -41.09 11.16
N THR B 325 1.60 -40.58 9.93
CA THR B 325 2.24 -41.30 8.84
C THR B 325 3.06 -40.36 7.99
N ILE B 326 4.36 -40.63 7.93
CA ILE B 326 5.27 -39.78 7.17
C ILE B 326 6.21 -40.57 6.27
N GLY B 327 6.53 -39.99 5.12
CA GLY B 327 7.46 -40.68 4.22
C GLY B 327 6.73 -41.47 3.15
N PRO B 328 7.47 -42.17 2.28
CA PRO B 328 8.92 -42.24 2.30
C PRO B 328 9.53 -40.95 1.77
N PHE B 329 10.83 -40.77 1.99
CA PHE B 329 11.58 -39.60 1.51
C PHE B 329 11.07 -38.33 2.16
N ALA B 330 10.79 -38.41 3.45
CA ALA B 330 10.36 -37.24 4.19
C ALA B 330 11.51 -36.63 5.02
N ARG B 331 11.49 -35.33 5.19
CA ARG B 331 12.57 -34.72 5.92
C ARG B 331 12.01 -33.80 7.00
N LEU B 332 12.04 -34.21 8.26
CA LEU B 332 11.53 -33.35 9.34
C LEU B 332 12.67 -32.70 10.13
N ARG B 333 12.73 -31.37 10.08
CA ARG B 333 13.77 -30.63 10.75
C ARG B 333 13.33 -30.12 12.10
N PRO B 334 14.25 -29.53 12.88
CA PRO B 334 13.92 -29.02 14.21
C PRO B 334 12.66 -28.17 14.22
N GLY B 335 11.72 -28.49 15.08
CA GLY B 335 10.50 -27.72 15.12
C GLY B 335 9.35 -28.47 14.50
N ALA B 336 9.62 -29.44 13.64
CA ALA B 336 8.57 -30.22 13.00
C ALA B 336 7.63 -30.83 14.05
N GLU B 337 6.37 -30.49 13.95
CA GLU B 337 5.44 -31.01 14.91
C GLU B 337 4.14 -31.45 14.22
N LEU B 338 3.76 -32.70 14.40
CA LEU B 338 2.51 -33.22 13.81
C LEU B 338 1.47 -33.62 14.86
N LEU B 339 0.21 -33.30 14.62
CA LEU B 339 -0.82 -33.69 15.60
C LEU B 339 -1.47 -35.00 15.18
N GLU B 340 -2.22 -35.60 16.10
CA GLU B 340 -2.86 -36.89 15.81
C GLU B 340 -3.49 -37.07 14.43
N GLY B 341 -3.04 -38.10 13.72
CA GLY B 341 -3.58 -38.41 12.41
C GLY B 341 -2.96 -37.71 11.24
N ALA B 342 -1.96 -36.85 11.48
CA ALA B 342 -1.34 -36.10 10.41
C ALA B 342 -0.57 -37.00 9.44
N HIS B 343 -0.41 -36.52 8.21
CA HIS B 343 0.32 -37.27 7.19
C HIS B 343 1.23 -36.41 6.31
N VAL B 344 2.46 -36.87 6.13
CA VAL B 344 3.41 -36.16 5.29
C VAL B 344 3.87 -37.15 4.24
N GLY B 345 3.74 -36.76 2.97
CA GLY B 345 4.11 -37.62 1.86
C GLY B 345 5.57 -37.63 1.50
N ASN B 346 5.87 -37.96 0.26
CA ASN B 346 7.25 -38.02 -0.18
C ASN B 346 7.81 -36.70 -0.70
N PHE B 347 9.10 -36.47 -0.48
CA PHE B 347 9.76 -35.24 -0.92
C PHE B 347 9.13 -34.01 -0.24
N VAL B 348 8.85 -34.16 1.06
CA VAL B 348 8.25 -33.09 1.83
C VAL B 348 9.20 -32.72 2.98
N GLU B 349 9.44 -31.43 3.15
CA GLU B 349 10.28 -30.95 4.24
C GLU B 349 9.50 -30.06 5.21
N MET B 350 9.78 -30.23 6.50
CA MET B 350 9.13 -29.43 7.53
C MET B 350 10.17 -28.84 8.47
N LYS B 351 10.14 -27.53 8.67
CA LYS B 351 11.08 -26.84 9.59
C LYS B 351 10.27 -25.91 10.48
N LYS B 352 10.41 -26.01 11.80
CA LYS B 352 9.66 -25.15 12.72
C LYS B 352 8.22 -24.98 12.23
N ALA B 353 7.55 -26.10 11.95
CA ALA B 353 6.19 -26.04 11.43
C ALA B 353 5.33 -27.02 12.19
N ARG B 354 4.04 -26.73 12.26
CA ARG B 354 3.10 -27.60 12.93
C ARG B 354 1.93 -28.01 11.99
N LEU B 355 1.66 -29.31 11.90
CA LEU B 355 0.61 -29.82 11.02
C LEU B 355 -0.47 -30.37 11.94
N GLY B 356 -1.68 -29.84 11.78
CA GLY B 356 -2.82 -30.22 12.60
C GLY B 356 -3.38 -31.63 12.49
N LYS B 357 -4.37 -31.94 13.32
CA LYS B 357 -4.99 -33.26 13.32
C LYS B 357 -5.64 -33.59 12.00
N GLY B 358 -5.36 -34.76 11.46
CA GLY B 358 -5.96 -35.16 10.21
C GLY B 358 -5.52 -34.37 9.01
N SER B 359 -4.57 -33.47 9.18
CA SER B 359 -4.07 -32.70 8.07
C SER B 359 -3.04 -33.44 7.23
N LYS B 360 -2.84 -33.02 5.99
CA LYS B 360 -1.87 -33.73 5.19
C LYS B 360 -1.15 -32.90 4.15
N ALA B 361 0.14 -33.22 3.97
CA ALA B 361 1.03 -32.61 2.98
C ALA B 361 1.73 -33.82 2.38
N GLY B 362 1.16 -34.32 1.30
CA GLY B 362 1.67 -35.51 0.67
C GLY B 362 2.76 -35.47 -0.38
N HIS B 363 3.09 -34.32 -0.98
CA HIS B 363 4.10 -34.34 -2.03
C HIS B 363 4.77 -33.02 -2.36
N LEU B 364 6.07 -33.12 -2.64
CA LEU B 364 6.90 -32.00 -3.07
C LEU B 364 6.55 -30.70 -2.43
N THR B 365 6.60 -30.66 -1.10
CA THR B 365 6.23 -29.47 -0.34
C THR B 365 7.24 -29.05 0.70
N TYR B 366 7.34 -27.74 0.91
CA TYR B 366 8.20 -27.21 1.95
C TYR B 366 7.37 -26.37 2.95
N LEU B 367 7.42 -26.73 4.22
CA LEU B 367 6.66 -25.99 5.24
C LEU B 367 7.62 -25.46 6.27
N GLY B 368 7.79 -24.14 6.29
CA GLY B 368 8.66 -23.51 7.25
C GLY B 368 7.96 -22.44 8.07
N ASP B 369 8.23 -22.37 9.38
CA ASP B 369 7.65 -21.36 10.27
C ASP B 369 6.18 -21.17 9.96
N ALA B 370 5.40 -22.21 10.22
CA ALA B 370 4.00 -22.16 9.90
C ALA B 370 3.13 -22.96 10.87
N GLU B 371 1.86 -22.56 10.96
CA GLU B 371 0.88 -23.20 11.80
C GLU B 371 -0.32 -23.57 10.97
N ILE B 372 -0.46 -24.87 10.70
CA ILE B 372 -1.56 -25.42 9.90
C ILE B 372 -2.61 -26.05 10.84
N GLY B 373 -3.86 -25.61 10.73
CA GLY B 373 -4.93 -26.19 11.53
C GLY B 373 -5.27 -27.65 11.22
N ASP B 374 -6.39 -28.10 11.73
CA ASP B 374 -6.75 -29.49 11.54
C ASP B 374 -7.55 -29.71 10.28
N ASN B 375 -7.49 -30.92 9.74
CA ASN B 375 -8.23 -31.27 8.54
C ASN B 375 -7.88 -30.38 7.37
N VAL B 376 -6.60 -30.02 7.32
CA VAL B 376 -6.14 -29.18 6.24
C VAL B 376 -5.50 -30.02 5.19
N ASN B 377 -5.69 -29.65 3.94
CA ASN B 377 -5.08 -30.38 2.86
C ASN B 377 -4.09 -29.50 2.08
N ILE B 378 -2.80 -29.83 2.16
CA ILE B 378 -1.74 -29.08 1.44
C ILE B 378 -1.48 -29.73 0.08
N GLY B 379 -1.91 -29.08 -0.99
CA GLY B 379 -1.70 -29.64 -2.32
C GLY B 379 -0.22 -29.78 -2.63
N ALA B 380 0.11 -30.71 -3.50
CA ALA B 380 1.50 -30.94 -3.85
C ALA B 380 2.09 -29.70 -4.44
N GLY B 381 3.36 -29.48 -4.16
CA GLY B 381 4.04 -28.34 -4.71
C GLY B 381 3.89 -27.07 -3.92
N THR B 382 3.15 -27.09 -2.82
CA THR B 382 2.99 -25.92 -1.99
C THR B 382 4.25 -25.58 -1.22
N ILE B 383 4.58 -24.29 -1.15
CA ILE B 383 5.79 -23.86 -0.46
C ILE B 383 5.52 -22.63 0.36
N THR B 384 6.08 -22.59 1.56
CA THR B 384 5.92 -21.43 2.40
C THR B 384 7.13 -20.49 2.23
N CYS B 385 6.89 -19.29 1.72
CA CYS B 385 7.94 -18.26 1.59
C CYS B 385 8.11 -17.52 2.89
N ASN B 386 8.97 -18.04 3.75
CA ASN B 386 9.21 -17.46 5.07
C ASN B 386 10.45 -16.57 5.17
N TYR B 387 11.25 -16.58 4.12
CA TYR B 387 12.50 -15.84 4.11
C TYR B 387 12.48 -14.77 3.04
N ASP B 388 12.72 -13.53 3.45
CA ASP B 388 12.74 -12.41 2.53
C ASP B 388 14.17 -11.92 2.23
N GLY B 389 15.15 -12.65 2.76
CA GLY B 389 16.56 -12.30 2.59
C GLY B 389 17.24 -11.84 3.87
N ALA B 390 16.45 -11.48 4.87
CA ALA B 390 17.02 -11.00 6.13
C ALA B 390 16.27 -11.57 7.34
N ASN B 391 14.95 -11.37 7.31
CA ASN B 391 14.04 -11.85 8.35
C ASN B 391 13.21 -13.08 7.85
N LYS B 392 12.52 -13.73 8.79
CA LYS B 392 11.70 -14.89 8.52
C LYS B 392 10.33 -14.65 9.12
N PHE B 393 9.29 -14.87 8.32
CA PHE B 393 7.93 -14.63 8.74
C PHE B 393 7.13 -15.90 8.80
N LYS B 394 6.13 -15.91 9.67
CA LYS B 394 5.32 -17.07 9.88
C LYS B 394 4.09 -17.14 8.97
N THR B 395 3.65 -18.37 8.68
CA THR B 395 2.48 -18.61 7.85
C THR B 395 1.42 -19.28 8.75
N ILE B 396 0.18 -18.84 8.62
CA ILE B 396 -0.88 -19.43 9.41
C ILE B 396 -2.06 -19.89 8.55
N ILE B 397 -2.51 -21.13 8.78
CA ILE B 397 -3.63 -21.68 8.03
C ILE B 397 -4.65 -22.28 8.98
N GLY B 398 -5.90 -21.82 8.93
CA GLY B 398 -6.93 -22.35 9.82
C GLY B 398 -7.38 -23.74 9.47
N ASP B 399 -8.42 -24.20 10.15
CA ASP B 399 -8.94 -25.52 9.93
C ASP B 399 -9.69 -25.65 8.64
N ASP B 400 -9.91 -26.89 8.22
CA ASP B 400 -10.65 -27.18 6.99
C ASP B 400 -10.24 -26.41 5.75
N VAL B 401 -8.96 -26.08 5.65
CA VAL B 401 -8.47 -25.34 4.51
C VAL B 401 -7.93 -26.24 3.42
N PHE B 402 -8.28 -25.91 2.18
CA PHE B 402 -7.79 -26.67 1.04
C PHE B 402 -6.82 -25.81 0.21
N VAL B 403 -5.54 -26.16 0.23
CA VAL B 403 -4.57 -25.39 -0.54
C VAL B 403 -4.27 -26.07 -1.84
N GLY B 404 -4.63 -25.43 -2.94
CA GLY B 404 -4.37 -26.03 -4.25
C GLY B 404 -2.91 -26.31 -4.54
N SER B 405 -2.70 -27.18 -5.49
CA SER B 405 -1.36 -27.59 -5.88
C SER B 405 -0.49 -26.43 -6.35
N ASP B 406 0.82 -26.55 -6.08
CA ASP B 406 1.80 -25.58 -6.51
C ASP B 406 1.52 -24.17 -6.02
N THR B 407 1.02 -24.05 -4.78
CA THR B 407 0.70 -22.74 -4.21
C THR B 407 1.87 -22.22 -3.40
N GLN B 408 2.13 -20.92 -3.48
CA GLN B 408 3.20 -20.38 -2.64
C GLN B 408 2.62 -19.34 -1.68
N LEU B 409 2.84 -19.51 -0.39
CA LEU B 409 2.29 -18.59 0.60
C LEU B 409 3.42 -17.67 1.01
N VAL B 410 3.28 -16.39 0.68
CA VAL B 410 4.31 -15.39 1.02
C VAL B 410 4.04 -14.79 2.41
N ALA B 411 4.64 -15.39 3.42
CA ALA B 411 4.49 -14.95 4.80
C ALA B 411 5.02 -13.51 4.97
N PRO B 412 4.52 -12.79 5.97
CA PRO B 412 3.50 -13.25 6.91
C PRO B 412 2.14 -13.19 6.27
N VAL B 413 1.36 -14.26 6.44
CA VAL B 413 0.03 -14.32 5.90
C VAL B 413 -0.86 -15.30 6.68
N THR B 414 -2.16 -15.00 6.70
CA THR B 414 -3.14 -15.82 7.41
C THR B 414 -4.23 -16.31 6.50
N VAL B 415 -4.57 -17.58 6.60
CA VAL B 415 -5.62 -18.10 5.74
C VAL B 415 -6.76 -18.54 6.64
N GLY B 416 -7.86 -17.80 6.62
CA GLY B 416 -9.00 -18.14 7.45
C GLY B 416 -9.47 -19.56 7.22
N LYS B 417 -10.06 -20.14 8.27
CA LYS B 417 -10.54 -21.51 8.21
C LYS B 417 -11.59 -21.71 7.13
N GLY B 418 -11.56 -22.87 6.50
CA GLY B 418 -12.54 -23.19 5.48
C GLY B 418 -12.21 -22.63 4.12
N ALA B 419 -11.22 -21.76 4.09
CA ALA B 419 -10.81 -21.16 2.84
C ALA B 419 -10.29 -22.16 1.80
N THR B 420 -10.33 -21.74 0.54
CA THR B 420 -9.84 -22.58 -0.54
C THR B 420 -8.91 -21.75 -1.43
N ILE B 421 -7.71 -22.25 -1.63
CA ILE B 421 -6.77 -21.55 -2.46
C ILE B 421 -6.66 -22.26 -3.81
N ALA B 422 -6.90 -21.52 -4.89
CA ALA B 422 -6.81 -22.08 -6.25
C ALA B 422 -5.38 -22.58 -6.56
N ALA B 423 -5.28 -23.60 -7.42
CA ALA B 423 -3.99 -24.16 -7.77
C ALA B 423 -3.13 -23.09 -8.41
N GLY B 424 -1.84 -23.08 -8.08
CA GLY B 424 -0.95 -22.13 -8.68
C GLY B 424 -1.17 -20.70 -8.28
N THR B 425 -1.61 -20.50 -7.04
CA THR B 425 -1.81 -19.18 -6.54
C THR B 425 -0.63 -18.65 -5.71
N THR B 426 -0.40 -17.34 -5.79
CA THR B 426 0.65 -16.73 -4.99
C THR B 426 -0.09 -15.89 -3.98
N VAL B 427 -0.17 -16.39 -2.75
CA VAL B 427 -0.86 -15.68 -1.65
C VAL B 427 0.07 -14.65 -0.97
N THR B 428 -0.26 -13.37 -1.09
CA THR B 428 0.51 -12.31 -0.49
C THR B 428 -0.33 -11.58 0.60
N ARG B 429 -1.64 -11.71 0.54
CA ARG B 429 -2.54 -11.06 1.50
C ARG B 429 -3.36 -12.12 2.24
N ASN B 430 -3.89 -11.77 3.40
CA ASN B 430 -4.71 -12.72 4.14
C ASN B 430 -5.96 -13.15 3.37
N VAL B 431 -6.35 -14.40 3.58
CA VAL B 431 -7.52 -14.94 2.92
C VAL B 431 -8.67 -15.08 3.93
N GLY B 432 -9.85 -14.58 3.58
CA GLY B 432 -10.98 -14.69 4.46
C GLY B 432 -11.46 -16.11 4.70
N GLU B 433 -12.30 -16.28 5.69
CA GLU B 433 -12.81 -17.60 6.01
C GLU B 433 -13.82 -17.99 4.98
N ASN B 434 -13.84 -19.26 4.61
CA ASN B 434 -14.81 -19.71 3.63
C ASN B 434 -14.67 -19.00 2.30
N ALA B 435 -13.49 -18.44 2.06
CA ALA B 435 -13.27 -17.69 0.85
C ALA B 435 -12.30 -18.39 -0.09
N LEU B 436 -12.47 -18.13 -1.38
CA LEU B 436 -11.63 -18.72 -2.38
C LEU B 436 -10.59 -17.72 -2.86
N ALA B 437 -9.33 -17.89 -2.44
CA ALA B 437 -8.21 -17.03 -2.85
C ALA B 437 -7.70 -17.53 -4.22
N ILE B 438 -7.60 -16.64 -5.19
CA ILE B 438 -7.10 -17.01 -6.51
C ILE B 438 -6.25 -15.89 -7.13
N SER B 439 -5.42 -16.23 -8.11
CA SER B 439 -4.60 -15.24 -8.81
C SER B 439 -4.04 -15.89 -10.09
N ARG B 440 -4.92 -16.26 -11.01
CA ARG B 440 -4.45 -16.93 -12.21
C ARG B 440 -4.85 -16.26 -13.48
N VAL B 441 -4.03 -16.50 -14.50
CA VAL B 441 -4.24 -15.97 -15.81
C VAL B 441 -5.10 -17.00 -16.54
N PRO B 442 -6.11 -16.54 -17.29
CA PRO B 442 -6.98 -17.46 -18.01
C PRO B 442 -6.16 -18.17 -19.11
N GLN B 443 -6.32 -19.48 -19.16
CA GLN B 443 -5.65 -20.31 -20.14
C GLN B 443 -6.11 -19.94 -21.55
N THR B 444 -5.18 -19.44 -22.38
CA THR B 444 -5.50 -19.11 -23.77
C THR B 444 -4.84 -20.17 -24.66
N GLN B 445 -4.98 -20.07 -25.97
CA GLN B 445 -4.41 -21.10 -26.84
C GLN B 445 -3.85 -20.50 -28.13
N LYS B 446 -2.89 -21.18 -28.74
CA LYS B 446 -2.27 -20.76 -30.00
C LYS B 446 -2.17 -22.00 -30.89
N GLU B 447 -2.96 -22.01 -31.97
CA GLU B 447 -3.01 -23.13 -32.92
C GLU B 447 -1.73 -23.32 -33.71
N GLY B 448 -1.57 -24.51 -34.26
CA GLY B 448 -0.40 -24.83 -35.08
C GLY B 448 0.92 -24.27 -34.58
N TRP B 449 1.20 -24.53 -33.31
CA TRP B 449 2.45 -24.07 -32.74
C TRP B 449 3.53 -25.11 -32.94
N ARG B 450 4.67 -24.71 -33.52
CA ARG B 450 5.77 -25.65 -33.76
C ARG B 450 6.96 -25.48 -32.84
N ARG B 451 7.41 -26.57 -32.25
CA ARG B 451 8.55 -26.50 -31.33
C ARG B 451 9.85 -26.33 -32.14
N PRO B 452 10.82 -25.57 -31.58
CA PRO B 452 12.11 -25.37 -32.30
C PRO B 452 12.76 -26.70 -32.70
#